data_2X1B
# 
_entry.id   2X1B 
# 
_audit_conform.dict_name       mmcif_pdbx.dic 
_audit_conform.dict_version    5.391 
_audit_conform.dict_location   http://mmcif.pdb.org/dictionaries/ascii/mmcif_pdbx.dic 
# 
loop_
_database_2.database_id 
_database_2.database_code 
_database_2.pdbx_database_accession 
_database_2.pdbx_DOI 
PDB   2X1B         pdb_00002x1b 10.2210/pdb2x1b/pdb 
PDBE  EBI-42315    ?            ?                   
WWPDB D_1290042315 ?            ?                   
# 
loop_
_pdbx_audit_revision_history.ordinal 
_pdbx_audit_revision_history.data_content_type 
_pdbx_audit_revision_history.major_revision 
_pdbx_audit_revision_history.minor_revision 
_pdbx_audit_revision_history.revision_date 
1 'Structure model' 1 0 2010-02-02 
2 'Structure model' 1 1 2011-05-08 
3 'Structure model' 1 2 2011-07-13 
4 'Structure model' 1 3 2024-05-08 
# 
_pdbx_audit_revision_details.ordinal             1 
_pdbx_audit_revision_details.revision_ordinal    1 
_pdbx_audit_revision_details.data_content_type   'Structure model' 
_pdbx_audit_revision_details.provider            repository 
_pdbx_audit_revision_details.type                'Initial release' 
_pdbx_audit_revision_details.description         ? 
_pdbx_audit_revision_details.details             ? 
# 
loop_
_pdbx_audit_revision_group.ordinal 
_pdbx_audit_revision_group.revision_ordinal 
_pdbx_audit_revision_group.data_content_type 
_pdbx_audit_revision_group.group 
1 2 'Structure model' 'Version format compliance' 
2 3 'Structure model' 'Version format compliance' 
3 4 'Structure model' 'Data collection'           
4 4 'Structure model' 'Database references'       
5 4 'Structure model' 'Derived calculations'      
6 4 'Structure model' Other                       
# 
loop_
_pdbx_audit_revision_category.ordinal 
_pdbx_audit_revision_category.revision_ordinal 
_pdbx_audit_revision_category.data_content_type 
_pdbx_audit_revision_category.category 
1 4 'Structure model' chem_comp_atom       
2 4 'Structure model' chem_comp_bond       
3 4 'Structure model' database_2           
4 4 'Structure model' pdbx_database_status 
5 4 'Structure model' struct_site          
# 
loop_
_pdbx_audit_revision_item.ordinal 
_pdbx_audit_revision_item.revision_ordinal 
_pdbx_audit_revision_item.data_content_type 
_pdbx_audit_revision_item.item 
1 4 'Structure model' '_database_2.pdbx_DOI'                 
2 4 'Structure model' '_database_2.pdbx_database_accession'  
3 4 'Structure model' '_pdbx_database_status.status_code_sf' 
4 4 'Structure model' '_struct_site.pdbx_auth_asym_id'       
5 4 'Structure model' '_struct_site.pdbx_auth_comp_id'       
6 4 'Structure model' '_struct_site.pdbx_auth_seq_id'        
# 
_pdbx_database_status.status_code                     REL 
_pdbx_database_status.entry_id                        2X1B 
_pdbx_database_status.deposit_site                    PDBE 
_pdbx_database_status.process_site                    PDBE 
_pdbx_database_status.SG_entry                        . 
_pdbx_database_status.recvd_initial_deposition_date   2010-01-06 
_pdbx_database_status.pdb_format_compatible           Y 
_pdbx_database_status.status_code_sf                  REL 
_pdbx_database_status.status_code_mr                  ? 
_pdbx_database_status.status_code_cs                  ? 
_pdbx_database_status.methods_development_category    ? 
_pdbx_database_status.status_code_nmr_data            ? 
# 
loop_
_pdbx_database_related.db_name 
_pdbx_database_related.db_id 
_pdbx_database_related.content_type 
_pdbx_database_related.details 
PDB 2X1F unspecified 'STRUCTURE OF RNA15 RRM WITH BOUND RNA (GU)' 
PDB 2X1A unspecified 'STRUCTURE OF RNA15 RRM WITH RNA BOUND (G)'  
# 
loop_
_audit_author.name 
_audit_author.pdbx_ordinal 
'Pancevac, C.'    1 
'Goldstone, D.C.' 2 
'Ramos, A.'       3 
'Taylor, I.A.'    4 
# 
_citation.id                        primary 
_citation.title                     
'Structure of the RNA15 Rrm-RNA Complex Reveals the Molecular Basis of Gu Specificity in Transcriptional 3-End Processing Factors.' 
_citation.journal_abbrev            'Nucleic Acids Res.' 
_citation.journal_volume            38 
_citation.page_first                3119 
_citation.page_last                 ? 
_citation.year                      2010 
_citation.journal_id_ASTM           NARHAD 
_citation.country                   UK 
_citation.journal_id_ISSN           0305-1048 
_citation.journal_id_CSD            0389 
_citation.book_publisher            ? 
_citation.pdbx_database_id_PubMed   20097654 
_citation.pdbx_database_id_DOI      10.1093/NAR/GKQ002 
# 
loop_
_citation_author.citation_id 
_citation_author.name 
_citation_author.ordinal 
_citation_author.identifier_ORCID 
primary 'Pancevac, C.'    1 ? 
primary 'Goldstone, D.C.' 2 ? 
primary 'Ramos, A.'       3 ? 
primary 'Taylor, I.A.'    4 ? 
# 
loop_
_entity.id 
_entity.type 
_entity.src_method 
_entity.pdbx_description 
_entity.formula_weight 
_entity.pdbx_number_of_molecules 
_entity.pdbx_ec 
_entity.pdbx_mutation 
_entity.pdbx_fragment 
_entity.details 
1 polymer     man 
;MRNA 3'-END-PROCESSING PROTEIN RNA15
;
10800.948 1   ? ? 'RNA RECOGNITION MODULE, RESIDUES 16-111' ? 
2 non-polymer syn 'PHOSPHATE ION'                        94.971    1   ? ? ?                                         ? 
3 water       nat water                                  18.015    147 ? ? ?                                         ? 
# 
_entity_name_com.entity_id   1 
_entity_name_com.name        'RNA15 RRM' 
# 
_entity_poly.entity_id                      1 
_entity_poly.type                           'polypeptide(L)' 
_entity_poly.nstd_linkage                   no 
_entity_poly.nstd_monomer                   no 
_entity_poly.pdbx_seq_one_letter_code       
;GPSRVVYLGSIPYDQTEEQILDLCSNVGPVINLKMMFDPQTGRSKGYAFIEFRDLESSASAVRNLNGYQLGSRFLKCGYS
SNSDISGVSQQQQQQYN
;
_entity_poly.pdbx_seq_one_letter_code_can   
;GPSRVVYLGSIPYDQTEEQILDLCSNVGPVINLKMMFDPQTGRSKGYAFIEFRDLESSASAVRNLNGYQLGSRFLKCGYS
SNSDISGVSQQQQQQYN
;
_entity_poly.pdbx_strand_id                 A 
_entity_poly.pdbx_target_identifier         ? 
# 
loop_
_pdbx_entity_nonpoly.entity_id 
_pdbx_entity_nonpoly.name 
_pdbx_entity_nonpoly.comp_id 
2 'PHOSPHATE ION' PO4 
3 water           HOH 
# 
loop_
_entity_poly_seq.entity_id 
_entity_poly_seq.num 
_entity_poly_seq.mon_id 
_entity_poly_seq.hetero 
1 1  GLY n 
1 2  PRO n 
1 3  SER n 
1 4  ARG n 
1 5  VAL n 
1 6  VAL n 
1 7  TYR n 
1 8  LEU n 
1 9  GLY n 
1 10 SER n 
1 11 ILE n 
1 12 PRO n 
1 13 TYR n 
1 14 ASP n 
1 15 GLN n 
1 16 THR n 
1 17 GLU n 
1 18 GLU n 
1 19 GLN n 
1 20 ILE n 
1 21 LEU n 
1 22 ASP n 
1 23 LEU n 
1 24 CYS n 
1 25 SER n 
1 26 ASN n 
1 27 VAL n 
1 28 GLY n 
1 29 PRO n 
1 30 VAL n 
1 31 ILE n 
1 32 ASN n 
1 33 LEU n 
1 34 LYS n 
1 35 MET n 
1 36 MET n 
1 37 PHE n 
1 38 ASP n 
1 39 PRO n 
1 40 GLN n 
1 41 THR n 
1 42 GLY n 
1 43 ARG n 
1 44 SER n 
1 45 LYS n 
1 46 GLY n 
1 47 TYR n 
1 48 ALA n 
1 49 PHE n 
1 50 ILE n 
1 51 GLU n 
1 52 PHE n 
1 53 ARG n 
1 54 ASP n 
1 55 LEU n 
1 56 GLU n 
1 57 SER n 
1 58 SER n 
1 59 ALA n 
1 60 SER n 
1 61 ALA n 
1 62 VAL n 
1 63 ARG n 
1 64 ASN n 
1 65 LEU n 
1 66 ASN n 
1 67 GLY n 
1 68 TYR n 
1 69 GLN n 
1 70 LEU n 
1 71 GLY n 
1 72 SER n 
1 73 ARG n 
1 74 PHE n 
1 75 LEU n 
1 76 LYS n 
1 77 CYS n 
1 78 GLY n 
1 79 TYR n 
1 80 SER n 
1 81 SER n 
1 82 ASN n 
1 83 SER n 
1 84 ASP n 
1 85 ILE n 
1 86 SER n 
1 87 GLY n 
1 88 VAL n 
1 89 SER n 
1 90 GLN n 
1 91 GLN n 
1 92 GLN n 
1 93 GLN n 
1 94 GLN n 
1 95 GLN n 
1 96 TYR n 
1 97 ASN n 
# 
_entity_src_gen.entity_id                          1 
_entity_src_gen.pdbx_src_id                        1 
_entity_src_gen.pdbx_alt_source_flag               sample 
_entity_src_gen.pdbx_seq_type                      ? 
_entity_src_gen.pdbx_beg_seq_num                   ? 
_entity_src_gen.pdbx_end_seq_num                   ? 
_entity_src_gen.gene_src_common_name               
;BAKER'S YEAST
;
_entity_src_gen.gene_src_genus                     ? 
_entity_src_gen.pdbx_gene_src_gene                 ? 
_entity_src_gen.gene_src_species                   ? 
_entity_src_gen.gene_src_strain                    ? 
_entity_src_gen.gene_src_tissue                    ? 
_entity_src_gen.gene_src_tissue_fraction           ? 
_entity_src_gen.gene_src_details                   ? 
_entity_src_gen.pdbx_gene_src_fragment             ? 
_entity_src_gen.pdbx_gene_src_scientific_name      'SACCHAROMYCES CEREVISIAE' 
_entity_src_gen.pdbx_gene_src_ncbi_taxonomy_id     4932 
_entity_src_gen.pdbx_gene_src_variant              ? 
_entity_src_gen.pdbx_gene_src_cell_line            ? 
_entity_src_gen.pdbx_gene_src_atcc                 ? 
_entity_src_gen.pdbx_gene_src_organ                ? 
_entity_src_gen.pdbx_gene_src_organelle            ? 
_entity_src_gen.pdbx_gene_src_cell                 ? 
_entity_src_gen.pdbx_gene_src_cellular_location    ? 
_entity_src_gen.host_org_common_name               ? 
_entity_src_gen.pdbx_host_org_scientific_name      'ESCHERICHIA COLI' 
_entity_src_gen.pdbx_host_org_ncbi_taxonomy_id     562 
_entity_src_gen.host_org_genus                     ? 
_entity_src_gen.pdbx_host_org_gene                 ? 
_entity_src_gen.pdbx_host_org_organ                ? 
_entity_src_gen.host_org_species                   ? 
_entity_src_gen.pdbx_host_org_tissue               ? 
_entity_src_gen.pdbx_host_org_tissue_fraction      ? 
_entity_src_gen.pdbx_host_org_strain               ? 
_entity_src_gen.pdbx_host_org_variant              ? 
_entity_src_gen.pdbx_host_org_cell_line            ? 
_entity_src_gen.pdbx_host_org_atcc                 ? 
_entity_src_gen.pdbx_host_org_culture_collection   ? 
_entity_src_gen.pdbx_host_org_cell                 ? 
_entity_src_gen.pdbx_host_org_organelle            ? 
_entity_src_gen.pdbx_host_org_cellular_location    ? 
_entity_src_gen.pdbx_host_org_vector_type          ? 
_entity_src_gen.pdbx_host_org_vector               ? 
_entity_src_gen.host_org_details                   ? 
_entity_src_gen.expression_system_id               ? 
_entity_src_gen.plasmid_name                       ? 
_entity_src_gen.plasmid_details                    ? 
_entity_src_gen.pdbx_description                   ? 
# 
loop_
_chem_comp.id 
_chem_comp.type 
_chem_comp.mon_nstd_flag 
_chem_comp.name 
_chem_comp.pdbx_synonyms 
_chem_comp.formula 
_chem_comp.formula_weight 
ALA 'L-peptide linking' y ALANINE         ? 'C3 H7 N O2'     89.093  
ARG 'L-peptide linking' y ARGININE        ? 'C6 H15 N4 O2 1' 175.209 
ASN 'L-peptide linking' y ASPARAGINE      ? 'C4 H8 N2 O3'    132.118 
ASP 'L-peptide linking' y 'ASPARTIC ACID' ? 'C4 H7 N O4'     133.103 
CYS 'L-peptide linking' y CYSTEINE        ? 'C3 H7 N O2 S'   121.158 
GLN 'L-peptide linking' y GLUTAMINE       ? 'C5 H10 N2 O3'   146.144 
GLU 'L-peptide linking' y 'GLUTAMIC ACID' ? 'C5 H9 N O4'     147.129 
GLY 'peptide linking'   y GLYCINE         ? 'C2 H5 N O2'     75.067  
HOH non-polymer         . WATER           ? 'H2 O'           18.015  
ILE 'L-peptide linking' y ISOLEUCINE      ? 'C6 H13 N O2'    131.173 
LEU 'L-peptide linking' y LEUCINE         ? 'C6 H13 N O2'    131.173 
LYS 'L-peptide linking' y LYSINE          ? 'C6 H15 N2 O2 1' 147.195 
MET 'L-peptide linking' y METHIONINE      ? 'C5 H11 N O2 S'  149.211 
PHE 'L-peptide linking' y PHENYLALANINE   ? 'C9 H11 N O2'    165.189 
PO4 non-polymer         . 'PHOSPHATE ION' ? 'O4 P -3'        94.971  
PRO 'L-peptide linking' y PROLINE         ? 'C5 H9 N O2'     115.130 
SER 'L-peptide linking' y SERINE          ? 'C3 H7 N O3'     105.093 
THR 'L-peptide linking' y THREONINE       ? 'C4 H9 N O3'     119.119 
TYR 'L-peptide linking' y TYROSINE        ? 'C9 H11 N O3'    181.189 
VAL 'L-peptide linking' y VALINE          ? 'C5 H11 N O2'    117.146 
# 
loop_
_pdbx_poly_seq_scheme.asym_id 
_pdbx_poly_seq_scheme.entity_id 
_pdbx_poly_seq_scheme.seq_id 
_pdbx_poly_seq_scheme.mon_id 
_pdbx_poly_seq_scheme.ndb_seq_num 
_pdbx_poly_seq_scheme.pdb_seq_num 
_pdbx_poly_seq_scheme.auth_seq_num 
_pdbx_poly_seq_scheme.pdb_mon_id 
_pdbx_poly_seq_scheme.auth_mon_id 
_pdbx_poly_seq_scheme.pdb_strand_id 
_pdbx_poly_seq_scheme.pdb_ins_code 
_pdbx_poly_seq_scheme.hetero 
A 1 1  GLY 1  15  15  GLY GLY A . n 
A 1 2  PRO 2  16  16  PRO PRO A . n 
A 1 3  SER 3  17  17  SER SER A . n 
A 1 4  ARG 4  18  18  ARG ARG A . n 
A 1 5  VAL 5  19  19  VAL VAL A . n 
A 1 6  VAL 6  20  20  VAL VAL A . n 
A 1 7  TYR 7  21  21  TYR TYR A . n 
A 1 8  LEU 8  22  22  LEU LEU A . n 
A 1 9  GLY 9  23  23  GLY GLY A . n 
A 1 10 SER 10 24  24  SER SER A . n 
A 1 11 ILE 11 25  25  ILE ILE A . n 
A 1 12 PRO 12 26  26  PRO PRO A . n 
A 1 13 TYR 13 27  27  TYR TYR A . n 
A 1 14 ASP 14 28  28  ASP ASP A . n 
A 1 15 GLN 15 29  29  GLN GLN A . n 
A 1 16 THR 16 30  30  THR THR A . n 
A 1 17 GLU 17 31  31  GLU GLU A . n 
A 1 18 GLU 18 32  32  GLU GLU A . n 
A 1 19 GLN 19 33  33  GLN GLN A . n 
A 1 20 ILE 20 34  34  ILE ILE A . n 
A 1 21 LEU 21 35  35  LEU LEU A . n 
A 1 22 ASP 22 36  36  ASP ASP A . n 
A 1 23 LEU 23 37  37  LEU LEU A . n 
A 1 24 CYS 24 38  38  CYS CYS A . n 
A 1 25 SER 25 39  39  SER SER A . n 
A 1 26 ASN 26 40  40  ASN ASN A . n 
A 1 27 VAL 27 41  41  VAL VAL A . n 
A 1 28 GLY 28 42  42  GLY GLY A . n 
A 1 29 PRO 29 43  43  PRO PRO A . n 
A 1 30 VAL 30 44  44  VAL VAL A . n 
A 1 31 ILE 31 45  45  ILE ILE A . n 
A 1 32 ASN 32 46  46  ASN ASN A . n 
A 1 33 LEU 33 47  47  LEU LEU A . n 
A 1 34 LYS 34 48  48  LYS LYS A . n 
A 1 35 MET 35 49  49  MET MET A . n 
A 1 36 MET 36 50  50  MET MET A . n 
A 1 37 PHE 37 51  51  PHE PHE A . n 
A 1 38 ASP 38 52  52  ASP ASP A . n 
A 1 39 PRO 39 53  53  PRO PRO A . n 
A 1 40 GLN 40 54  54  GLN GLN A . n 
A 1 41 THR 41 55  55  THR THR A . n 
A 1 42 GLY 42 56  56  GLY GLY A . n 
A 1 43 ARG 43 57  57  ARG ARG A . n 
A 1 44 SER 44 58  58  SER SER A . n 
A 1 45 LYS 45 59  59  LYS LYS A . n 
A 1 46 GLY 46 60  60  GLY GLY A . n 
A 1 47 TYR 47 61  61  TYR TYR A . n 
A 1 48 ALA 48 62  62  ALA ALA A . n 
A 1 49 PHE 49 63  63  PHE PHE A . n 
A 1 50 ILE 50 64  64  ILE ILE A . n 
A 1 51 GLU 51 65  65  GLU GLU A . n 
A 1 52 PHE 52 66  66  PHE PHE A . n 
A 1 53 ARG 53 67  67  ARG ARG A . n 
A 1 54 ASP 54 68  68  ASP ASP A . n 
A 1 55 LEU 55 69  69  LEU LEU A . n 
A 1 56 GLU 56 70  70  GLU GLU A . n 
A 1 57 SER 57 71  71  SER SER A . n 
A 1 58 SER 58 72  72  SER SER A . n 
A 1 59 ALA 59 73  73  ALA ALA A . n 
A 1 60 SER 60 74  74  SER SER A . n 
A 1 61 ALA 61 75  75  ALA ALA A . n 
A 1 62 VAL 62 76  76  VAL VAL A . n 
A 1 63 ARG 63 77  77  ARG ARG A . n 
A 1 64 ASN 64 78  78  ASN ASN A . n 
A 1 65 LEU 65 79  79  LEU LEU A . n 
A 1 66 ASN 66 80  80  ASN ASN A . n 
A 1 67 GLY 67 81  81  GLY GLY A . n 
A 1 68 TYR 68 82  82  TYR TYR A . n 
A 1 69 GLN 69 83  83  GLN GLN A . n 
A 1 70 LEU 70 84  84  LEU LEU A . n 
A 1 71 GLY 71 85  85  GLY GLY A . n 
A 1 72 SER 72 86  86  SER SER A . n 
A 1 73 ARG 73 87  87  ARG ARG A . n 
A 1 74 PHE 74 88  88  PHE PHE A . n 
A 1 75 LEU 75 89  89  LEU LEU A . n 
A 1 76 LYS 76 90  90  LYS LYS A . n 
A 1 77 CYS 77 91  91  CYS CYS A . n 
A 1 78 GLY 78 92  92  GLY GLY A . n 
A 1 79 TYR 79 93  93  TYR TYR A . n 
A 1 80 SER 80 94  94  SER SER A . n 
A 1 81 SER 81 95  95  SER SER A . n 
A 1 82 ASN 82 96  96  ASN ASN A . n 
A 1 83 SER 83 97  97  SER SER A . n 
A 1 84 ASP 84 98  98  ASP ASP A . n 
A 1 85 ILE 85 99  99  ILE ILE A . n 
A 1 86 SER 86 100 100 SER SER A . n 
A 1 87 GLY 87 101 101 GLY GLY A . n 
A 1 88 VAL 88 102 ?   ?   ?   A . n 
A 1 89 SER 89 103 ?   ?   ?   A . n 
A 1 90 GLN 90 104 ?   ?   ?   A . n 
A 1 91 GLN 91 105 ?   ?   ?   A . n 
A 1 92 GLN 92 106 ?   ?   ?   A . n 
A 1 93 GLN 93 107 ?   ?   ?   A . n 
A 1 94 GLN 94 108 ?   ?   ?   A . n 
A 1 95 GLN 95 109 ?   ?   ?   A . n 
A 1 96 TYR 96 110 ?   ?   ?   A . n 
A 1 97 ASN 97 111 ?   ?   ?   A . n 
# 
loop_
_pdbx_nonpoly_scheme.asym_id 
_pdbx_nonpoly_scheme.entity_id 
_pdbx_nonpoly_scheme.mon_id 
_pdbx_nonpoly_scheme.ndb_seq_num 
_pdbx_nonpoly_scheme.pdb_seq_num 
_pdbx_nonpoly_scheme.auth_seq_num 
_pdbx_nonpoly_scheme.pdb_mon_id 
_pdbx_nonpoly_scheme.auth_mon_id 
_pdbx_nonpoly_scheme.pdb_strand_id 
_pdbx_nonpoly_scheme.pdb_ins_code 
B 2 PO4 1   1102 1102 PO4 PO4 A . 
C 3 HOH 1   2001 2001 HOH HOH A . 
C 3 HOH 2   2002 2002 HOH HOH A . 
C 3 HOH 3   2003 2003 HOH HOH A . 
C 3 HOH 4   2004 2004 HOH HOH A . 
C 3 HOH 5   2005 2005 HOH HOH A . 
C 3 HOH 6   2006 2006 HOH HOH A . 
C 3 HOH 7   2007 2007 HOH HOH A . 
C 3 HOH 8   2008 2008 HOH HOH A . 
C 3 HOH 9   2009 2009 HOH HOH A . 
C 3 HOH 10  2010 2010 HOH HOH A . 
C 3 HOH 11  2011 2011 HOH HOH A . 
C 3 HOH 12  2012 2012 HOH HOH A . 
C 3 HOH 13  2013 2013 HOH HOH A . 
C 3 HOH 14  2014 2014 HOH HOH A . 
C 3 HOH 15  2015 2015 HOH HOH A . 
C 3 HOH 16  2016 2016 HOH HOH A . 
C 3 HOH 17  2017 2017 HOH HOH A . 
C 3 HOH 18  2018 2018 HOH HOH A . 
C 3 HOH 19  2019 2019 HOH HOH A . 
C 3 HOH 20  2020 2020 HOH HOH A . 
C 3 HOH 21  2021 2021 HOH HOH A . 
C 3 HOH 22  2022 2022 HOH HOH A . 
C 3 HOH 23  2023 2023 HOH HOH A . 
C 3 HOH 24  2024 2024 HOH HOH A . 
C 3 HOH 25  2025 2025 HOH HOH A . 
C 3 HOH 26  2026 2026 HOH HOH A . 
C 3 HOH 27  2027 2027 HOH HOH A . 
C 3 HOH 28  2028 2028 HOH HOH A . 
C 3 HOH 29  2029 2029 HOH HOH A . 
C 3 HOH 30  2030 2030 HOH HOH A . 
C 3 HOH 31  2031 2031 HOH HOH A . 
C 3 HOH 32  2032 2032 HOH HOH A . 
C 3 HOH 33  2033 2033 HOH HOH A . 
C 3 HOH 34  2034 2034 HOH HOH A . 
C 3 HOH 35  2035 2035 HOH HOH A . 
C 3 HOH 36  2036 2036 HOH HOH A . 
C 3 HOH 37  2037 2037 HOH HOH A . 
C 3 HOH 38  2038 2038 HOH HOH A . 
C 3 HOH 39  2039 2039 HOH HOH A . 
C 3 HOH 40  2040 2040 HOH HOH A . 
C 3 HOH 41  2041 2041 HOH HOH A . 
C 3 HOH 42  2042 2042 HOH HOH A . 
C 3 HOH 43  2043 2043 HOH HOH A . 
C 3 HOH 44  2044 2044 HOH HOH A . 
C 3 HOH 45  2045 2045 HOH HOH A . 
C 3 HOH 46  2046 2046 HOH HOH A . 
C 3 HOH 47  2047 2047 HOH HOH A . 
C 3 HOH 48  2048 2048 HOH HOH A . 
C 3 HOH 49  2049 2049 HOH HOH A . 
C 3 HOH 50  2050 2050 HOH HOH A . 
C 3 HOH 51  2051 2051 HOH HOH A . 
C 3 HOH 52  2052 2052 HOH HOH A . 
C 3 HOH 53  2053 2053 HOH HOH A . 
C 3 HOH 54  2054 2054 HOH HOH A . 
C 3 HOH 55  2055 2055 HOH HOH A . 
C 3 HOH 56  2056 2056 HOH HOH A . 
C 3 HOH 57  2057 2057 HOH HOH A . 
C 3 HOH 58  2058 2058 HOH HOH A . 
C 3 HOH 59  2059 2059 HOH HOH A . 
C 3 HOH 60  2060 2060 HOH HOH A . 
C 3 HOH 61  2061 2061 HOH HOH A . 
C 3 HOH 62  2062 2062 HOH HOH A . 
C 3 HOH 63  2063 2063 HOH HOH A . 
C 3 HOH 64  2064 2064 HOH HOH A . 
C 3 HOH 65  2065 2065 HOH HOH A . 
C 3 HOH 66  2066 2066 HOH HOH A . 
C 3 HOH 67  2067 2067 HOH HOH A . 
C 3 HOH 68  2068 2068 HOH HOH A . 
C 3 HOH 69  2069 2069 HOH HOH A . 
C 3 HOH 70  2070 2070 HOH HOH A . 
C 3 HOH 71  2071 2071 HOH HOH A . 
C 3 HOH 72  2072 2072 HOH HOH A . 
C 3 HOH 73  2073 2073 HOH HOH A . 
C 3 HOH 74  2074 2074 HOH HOH A . 
C 3 HOH 75  2075 2075 HOH HOH A . 
C 3 HOH 76  2076 2076 HOH HOH A . 
C 3 HOH 77  2077 2077 HOH HOH A . 
C 3 HOH 78  2078 2078 HOH HOH A . 
C 3 HOH 79  2079 2079 HOH HOH A . 
C 3 HOH 80  2080 2080 HOH HOH A . 
C 3 HOH 81  2081 2081 HOH HOH A . 
C 3 HOH 82  2082 2082 HOH HOH A . 
C 3 HOH 83  2083 2083 HOH HOH A . 
C 3 HOH 84  2084 2084 HOH HOH A . 
C 3 HOH 85  2085 2085 HOH HOH A . 
C 3 HOH 86  2086 2086 HOH HOH A . 
C 3 HOH 87  2087 2087 HOH HOH A . 
C 3 HOH 88  2088 2088 HOH HOH A . 
C 3 HOH 89  2089 2089 HOH HOH A . 
C 3 HOH 90  2090 2090 HOH HOH A . 
C 3 HOH 91  2091 2091 HOH HOH A . 
C 3 HOH 92  2092 2092 HOH HOH A . 
C 3 HOH 93  2093 2093 HOH HOH A . 
C 3 HOH 94  2094 2094 HOH HOH A . 
C 3 HOH 95  2095 2095 HOH HOH A . 
C 3 HOH 96  2096 2096 HOH HOH A . 
C 3 HOH 97  2097 2097 HOH HOH A . 
C 3 HOH 98  2098 2098 HOH HOH A . 
C 3 HOH 99  2099 2099 HOH HOH A . 
C 3 HOH 100 2100 2100 HOH HOH A . 
C 3 HOH 101 2101 2101 HOH HOH A . 
C 3 HOH 102 2102 2102 HOH HOH A . 
C 3 HOH 103 2103 2103 HOH HOH A . 
C 3 HOH 104 2104 2104 HOH HOH A . 
C 3 HOH 105 2105 2105 HOH HOH A . 
C 3 HOH 106 2106 2106 HOH HOH A . 
C 3 HOH 107 2107 2107 HOH HOH A . 
C 3 HOH 108 2108 2108 HOH HOH A . 
C 3 HOH 109 2109 2109 HOH HOH A . 
C 3 HOH 110 2110 2110 HOH HOH A . 
C 3 HOH 111 2111 2111 HOH HOH A . 
C 3 HOH 112 2112 2112 HOH HOH A . 
C 3 HOH 113 2113 2113 HOH HOH A . 
C 3 HOH 114 2114 2114 HOH HOH A . 
C 3 HOH 115 2115 2115 HOH HOH A . 
C 3 HOH 116 2116 2116 HOH HOH A . 
C 3 HOH 117 2117 2117 HOH HOH A . 
C 3 HOH 118 2118 2118 HOH HOH A . 
C 3 HOH 119 2119 2119 HOH HOH A . 
C 3 HOH 120 2120 2120 HOH HOH A . 
C 3 HOH 121 2121 2121 HOH HOH A . 
C 3 HOH 122 2122 2122 HOH HOH A . 
C 3 HOH 123 2123 2123 HOH HOH A . 
C 3 HOH 124 2124 2124 HOH HOH A . 
C 3 HOH 125 2125 2125 HOH HOH A . 
C 3 HOH 126 2126 2126 HOH HOH A . 
C 3 HOH 127 2127 2127 HOH HOH A . 
C 3 HOH 128 2128 2128 HOH HOH A . 
C 3 HOH 129 2129 2129 HOH HOH A . 
C 3 HOH 130 2130 2130 HOH HOH A . 
C 3 HOH 131 2131 2131 HOH HOH A . 
C 3 HOH 132 2132 2132 HOH HOH A . 
C 3 HOH 133 2133 2133 HOH HOH A . 
C 3 HOH 134 2134 2134 HOH HOH A . 
C 3 HOH 135 2135 2135 HOH HOH A . 
C 3 HOH 136 2136 2136 HOH HOH A . 
C 3 HOH 137 2137 2137 HOH HOH A . 
C 3 HOH 138 2138 2138 HOH HOH A . 
C 3 HOH 139 2139 2139 HOH HOH A . 
C 3 HOH 140 2140 2140 HOH HOH A . 
C 3 HOH 141 2141 2141 HOH HOH A . 
C 3 HOH 142 2142 2142 HOH HOH A . 
C 3 HOH 143 2143 2143 HOH HOH A . 
C 3 HOH 144 2144 2144 HOH HOH A . 
C 3 HOH 145 2145 2145 HOH HOH A . 
C 3 HOH 146 2146 2146 HOH HOH A . 
C 3 HOH 147 2147 2147 HOH HOH A . 
# 
_software.name             REFMAC 
_software.classification   refinement 
_software.version          5.5.0088 
_software.citation_id      ? 
_software.pdbx_ordinal     1 
# 
_cell.entry_id           2X1B 
_cell.length_a           26.990 
_cell.length_b           36.795 
_cell.length_c           92.838 
_cell.angle_alpha        90.00 
_cell.angle_beta         90.00 
_cell.angle_gamma        90.00 
_cell.Z_PDB              4 
_cell.pdbx_unique_axis   ? 
# 
_symmetry.entry_id                         2X1B 
_symmetry.space_group_name_H-M             'P 21 21 21' 
_symmetry.pdbx_full_space_group_name_H-M   ? 
_symmetry.cell_setting                     ? 
_symmetry.Int_Tables_number                19 
# 
_exptl.entry_id          2X1B 
_exptl.method            'X-RAY DIFFRACTION' 
_exptl.crystals_number   ? 
# 
_exptl_crystal.id                    1 
_exptl_crystal.density_meas          ? 
_exptl_crystal.density_Matthews      2.13 
_exptl_crystal.density_percent_sol   42.36 
_exptl_crystal.description           NONE 
# 
_diffrn.id                     1 
_diffrn.ambient_temp           100 
_diffrn.ambient_temp_details   ? 
_diffrn.crystal_id             1 
# 
_diffrn_radiation.diffrn_id                        1 
_diffrn_radiation.wavelength_id                    1 
_diffrn_radiation.pdbx_monochromatic_or_laue_m_l   M 
_diffrn_radiation.monochromator                    ? 
_diffrn_radiation.pdbx_diffrn_protocol             'SINGLE WAVELENGTH' 
_diffrn_radiation.pdbx_scattering_type             x-ray 
# 
_diffrn_radiation_wavelength.id           1 
_diffrn_radiation_wavelength.wavelength   1.5418 
_diffrn_radiation_wavelength.wt           1.0 
# 
_diffrn_source.diffrn_id                   1 
_diffrn_source.source                      'ROTATING ANODE' 
_diffrn_source.type                        ? 
_diffrn_source.pdbx_synchrotron_site       ? 
_diffrn_source.pdbx_synchrotron_beamline   ? 
_diffrn_source.pdbx_wavelength             1.5418 
_diffrn_source.pdbx_wavelength_list        ? 
# 
_reflns.pdbx_diffrn_id               1 
_reflns.pdbx_ordinal                 1 
_reflns.entry_id                     2X1B 
_reflns.observed_criterion_sigma_I   2.0 
_reflns.observed_criterion_sigma_F   ? 
_reflns.d_resolution_low             20.00 
_reflns.d_resolution_high            1.80 
_reflns.number_obs                   9150 
_reflns.number_all                   ? 
_reflns.percent_possible_obs         99.7 
_reflns.pdbx_Rmerge_I_obs            0.06 
_reflns.pdbx_Rsym_value              ? 
_reflns.pdbx_netI_over_sigmaI        31.60 
_reflns.B_iso_Wilson_estimate        18.1 
_reflns.pdbx_redundancy              7.4 
# 
_refine.pdbx_refine_id                           'X-RAY DIFFRACTION' 
_refine.entry_id                                 2X1B 
_refine.pdbx_diffrn_id                           1 
_refine.pdbx_TLS_residual_ADP_flag               ? 
_refine.ls_number_reflns_obs                     8628 
_refine.ls_number_reflns_all                     ? 
_refine.pdbx_ls_sigma_I                          ? 
_refine.pdbx_ls_sigma_F                          . 
_refine.pdbx_data_cutoff_high_absF               ? 
_refine.pdbx_data_cutoff_low_absF                ? 
_refine.pdbx_data_cutoff_high_rms_absF           ? 
_refine.ls_d_res_low                             46.42 
_refine.ls_d_res_high                            1.80 
_refine.ls_percent_reflns_obs                    99.64 
_refine.ls_R_factor_obs                          0.18499 
_refine.ls_R_factor_all                          ? 
_refine.ls_R_factor_R_work                       0.18301 
_refine.ls_R_factor_R_free                       0.22565 
_refine.ls_R_factor_R_free_error                 ? 
_refine.ls_R_factor_R_free_error_details         ? 
_refine.ls_percent_reflns_R_free                 4.8 
_refine.ls_number_reflns_R_free                  431 
_refine.ls_number_parameters                     ? 
_refine.ls_number_restraints                     ? 
_refine.occupancy_min                            ? 
_refine.occupancy_max                            ? 
_refine.correlation_coeff_Fo_to_Fc               0.951 
_refine.correlation_coeff_Fo_to_Fc_free          0.935 
_refine.B_iso_mean                               14.430 
_refine.aniso_B[1][1]                            -0.07 
_refine.aniso_B[2][2]                            0.09 
_refine.aniso_B[3][3]                            -0.02 
_refine.aniso_B[1][2]                            0.00 
_refine.aniso_B[1][3]                            0.00 
_refine.aniso_B[2][3]                            0.00 
_refine.solvent_model_details                    MASK 
_refine.solvent_model_param_ksol                 ? 
_refine.solvent_model_param_bsol                 ? 
_refine.pdbx_solvent_vdw_probe_radii             1.40 
_refine.pdbx_solvent_ion_probe_radii             0.80 
_refine.pdbx_solvent_shrinkage_radii             0.80 
_refine.pdbx_ls_cross_valid_method               THROUGHOUT 
_refine.details                                  
'HYDROGENS HAVE BEEN ADDED IN THE RIDING POSITIONS. U VALUES REFINED INDIVIDUALLY.' 
_refine.pdbx_starting_model                      ? 
_refine.pdbx_method_to_determine_struct          OTHER 
_refine.pdbx_isotropic_thermal_model             ? 
_refine.pdbx_stereochemistry_target_values       'MAXIMUM LIKELIHOOD' 
_refine.pdbx_stereochem_target_val_spec_case     ? 
_refine.pdbx_R_Free_selection_details            RANDOM 
_refine.pdbx_overall_ESU_R                       0.132 
_refine.pdbx_overall_ESU_R_Free                  0.128 
_refine.overall_SU_ML                            0.072 
_refine.pdbx_overall_phase_error                 ? 
_refine.overall_SU_B                             2.295 
_refine.overall_SU_R_Cruickshank_DPI             ? 
_refine.pdbx_overall_SU_R_free_Cruickshank_DPI   ? 
_refine.pdbx_overall_SU_R_Blow_DPI               ? 
_refine.pdbx_overall_SU_R_free_Blow_DPI          ? 
# 
_refine_hist.pdbx_refine_id                   'X-RAY DIFFRACTION' 
_refine_hist.cycle_id                         LAST 
_refine_hist.pdbx_number_atoms_protein        670 
_refine_hist.pdbx_number_atoms_nucleic_acid   0 
_refine_hist.pdbx_number_atoms_ligand         5 
_refine_hist.number_atoms_solvent             147 
_refine_hist.number_atoms_total               822 
_refine_hist.d_res_high                       1.80 
_refine_hist.d_res_low                        46.42 
# 
loop_
_refine_ls_restr.type 
_refine_ls_restr.dev_ideal 
_refine_ls_restr.dev_ideal_target 
_refine_ls_restr.weight 
_refine_ls_restr.number 
_refine_ls_restr.pdbx_refine_id 
_refine_ls_restr.pdbx_restraint_function 
r_bond_refined_d             0.010  0.022  ? 693  'X-RAY DIFFRACTION' ? 
r_bond_other_d               0.014  0.020  ? 478  'X-RAY DIFFRACTION' ? 
r_angle_refined_deg          1.160  1.981  ? 936  'X-RAY DIFFRACTION' ? 
r_angle_other_deg            0.905  3.000  ? 1162 'X-RAY DIFFRACTION' ? 
r_dihedral_angle_1_deg       5.289  5.000  ? 88   'X-RAY DIFFRACTION' ? 
r_dihedral_angle_2_deg       36.037 24.242 ? 33   'X-RAY DIFFRACTION' ? 
r_dihedral_angle_3_deg       10.733 15.000 ? 117  'X-RAY DIFFRACTION' ? 
r_dihedral_angle_4_deg       9.455  15.000 ? 5    'X-RAY DIFFRACTION' ? 
r_chiral_restr               0.076  0.200  ? 99   'X-RAY DIFFRACTION' ? 
r_gen_planes_refined         0.004  0.021  ? 782  'X-RAY DIFFRACTION' ? 
r_gen_planes_other           0.001  0.020  ? 143  'X-RAY DIFFRACTION' ? 
r_nbd_refined                ?      ?      ? ?    'X-RAY DIFFRACTION' ? 
r_nbd_other                  ?      ?      ? ?    'X-RAY DIFFRACTION' ? 
r_nbtor_refined              ?      ?      ? ?    'X-RAY DIFFRACTION' ? 
r_nbtor_other                ?      ?      ? ?    'X-RAY DIFFRACTION' ? 
r_xyhbond_nbd_refined        ?      ?      ? ?    'X-RAY DIFFRACTION' ? 
r_xyhbond_nbd_other          ?      ?      ? ?    'X-RAY DIFFRACTION' ? 
r_metal_ion_refined          ?      ?      ? ?    'X-RAY DIFFRACTION' ? 
r_metal_ion_other            ?      ?      ? ?    'X-RAY DIFFRACTION' ? 
r_symmetry_vdw_refined       ?      ?      ? ?    'X-RAY DIFFRACTION' ? 
r_symmetry_vdw_other         ?      ?      ? ?    'X-RAY DIFFRACTION' ? 
r_symmetry_hbond_refined     ?      ?      ? ?    'X-RAY DIFFRACTION' ? 
r_symmetry_hbond_other       ?      ?      ? ?    'X-RAY DIFFRACTION' ? 
r_symmetry_metal_ion_refined ?      ?      ? ?    'X-RAY DIFFRACTION' ? 
r_symmetry_metal_ion_other   ?      ?      ? ?    'X-RAY DIFFRACTION' ? 
r_mcbond_it                  0.686  1.500  ? 432  'X-RAY DIFFRACTION' ? 
r_mcbond_other               0.154  1.500  ? 179  'X-RAY DIFFRACTION' ? 
r_mcangle_it                 1.324  2.000  ? 693  'X-RAY DIFFRACTION' ? 
r_mcangle_other              ?      ?      ? ?    'X-RAY DIFFRACTION' ? 
r_scbond_it                  2.319  3.000  ? 261  'X-RAY DIFFRACTION' ? 
r_scbond_other               ?      ?      ? ?    'X-RAY DIFFRACTION' ? 
r_scangle_it                 4.041  4.500  ? 242  'X-RAY DIFFRACTION' ? 
r_scangle_other              ?      ?      ? ?    'X-RAY DIFFRACTION' ? 
r_long_range_B_refined       ?      ?      ? ?    'X-RAY DIFFRACTION' ? 
r_long_range_B_other         ?      ?      ? ?    'X-RAY DIFFRACTION' ? 
r_rigid_bond_restr           ?      ?      ? ?    'X-RAY DIFFRACTION' ? 
r_sphericity_free            ?      ?      ? ?    'X-RAY DIFFRACTION' ? 
r_sphericity_bonded          ?      ?      ? ?    'X-RAY DIFFRACTION' ? 
# 
_refine_ls_shell.pdbx_refine_id                   'X-RAY DIFFRACTION' 
_refine_ls_shell.pdbx_total_number_of_bins_used   20 
_refine_ls_shell.d_res_high                       1.800 
_refine_ls_shell.d_res_low                        1.847 
_refine_ls_shell.number_reflns_R_work             597 
_refine_ls_shell.R_factor_R_work                  0.363 
_refine_ls_shell.percent_reflns_obs               97.06 
_refine_ls_shell.R_factor_R_free                  0.243 
_refine_ls_shell.R_factor_R_free_error            ? 
_refine_ls_shell.percent_reflns_R_free            ? 
_refine_ls_shell.number_reflns_R_free             31 
_refine_ls_shell.number_reflns_all                ? 
_refine_ls_shell.R_factor_all                     ? 
# 
_struct.entry_id                  2X1B 
_struct.title                     'Structure of RNA15 RRM' 
_struct.pdbx_model_details        ? 
_struct.pdbx_CASP_flag            ? 
_struct.pdbx_model_type_details   ? 
# 
_struct_keywords.entry_id        2X1B 
_struct_keywords.pdbx_keywords   TRANSCRIPTION 
_struct_keywords.text            'TRANSCRIPTION, NUCLEUS, RNA-BINDING, MRNA PROCESSING' 
# 
loop_
_struct_asym.id 
_struct_asym.pdbx_blank_PDB_chainid_flag 
_struct_asym.pdbx_modified 
_struct_asym.entity_id 
_struct_asym.details 
A N N 1 ? 
B N N 2 ? 
C N N 3 ? 
# 
loop_
_struct_ref.id 
_struct_ref.db_name 
_struct_ref.db_code 
_struct_ref.entity_id 
_struct_ref.pdbx_seq_one_letter_code 
_struct_ref.pdbx_align_begin 
_struct_ref.pdbx_db_accession 
_struct_ref.pdbx_db_isoform 
1 PDB 2X1B        1 ? ? 2X1B   ? 
2 UNP RNA15_YEAST 1 ? ? P25299 ? 
# 
loop_
_struct_ref_seq.align_id 
_struct_ref_seq.ref_id 
_struct_ref_seq.pdbx_PDB_id_code 
_struct_ref_seq.pdbx_strand_id 
_struct_ref_seq.seq_align_beg 
_struct_ref_seq.pdbx_seq_align_beg_ins_code 
_struct_ref_seq.seq_align_end 
_struct_ref_seq.pdbx_seq_align_end_ins_code 
_struct_ref_seq.pdbx_db_accession 
_struct_ref_seq.db_align_beg 
_struct_ref_seq.pdbx_db_align_beg_ins_code 
_struct_ref_seq.db_align_end 
_struct_ref_seq.pdbx_db_align_end_ins_code 
_struct_ref_seq.pdbx_auth_seq_align_beg 
_struct_ref_seq.pdbx_auth_seq_align_end 
1 1 2X1B A 1 ? 1  ? 2X1B   15 ? 15  ? 15 15  
2 2 2X1B A 2 ? 97 ? P25299 16 ? 111 ? 16 111 
# 
_pdbx_struct_assembly.id                   1 
_pdbx_struct_assembly.details              author_and_software_defined_assembly 
_pdbx_struct_assembly.method_details       PISA 
_pdbx_struct_assembly.oligomeric_details   monomeric 
_pdbx_struct_assembly.oligomeric_count     1 
# 
_pdbx_struct_assembly_gen.assembly_id       1 
_pdbx_struct_assembly_gen.oper_expression   1 
_pdbx_struct_assembly_gen.asym_id_list      A,B,C 
# 
_pdbx_struct_oper_list.id                   1 
_pdbx_struct_oper_list.type                 'identity operation' 
_pdbx_struct_oper_list.name                 1_555 
_pdbx_struct_oper_list.symmetry_operation   x,y,z 
_pdbx_struct_oper_list.matrix[1][1]         1.0000000000 
_pdbx_struct_oper_list.matrix[1][2]         0.0000000000 
_pdbx_struct_oper_list.matrix[1][3]         0.0000000000 
_pdbx_struct_oper_list.vector[1]            0.0000000000 
_pdbx_struct_oper_list.matrix[2][1]         0.0000000000 
_pdbx_struct_oper_list.matrix[2][2]         1.0000000000 
_pdbx_struct_oper_list.matrix[2][3]         0.0000000000 
_pdbx_struct_oper_list.vector[2]            0.0000000000 
_pdbx_struct_oper_list.matrix[3][1]         0.0000000000 
_pdbx_struct_oper_list.matrix[3][2]         0.0000000000 
_pdbx_struct_oper_list.matrix[3][3]         1.0000000000 
_pdbx_struct_oper_list.vector[3]            0.0000000000 
# 
_struct_biol.id   1 
# 
loop_
_struct_conf.conf_type_id 
_struct_conf.id 
_struct_conf.pdbx_PDB_helix_id 
_struct_conf.beg_label_comp_id 
_struct_conf.beg_label_asym_id 
_struct_conf.beg_label_seq_id 
_struct_conf.pdbx_beg_PDB_ins_code 
_struct_conf.end_label_comp_id 
_struct_conf.end_label_asym_id 
_struct_conf.end_label_seq_id 
_struct_conf.pdbx_end_PDB_ins_code 
_struct_conf.beg_auth_comp_id 
_struct_conf.beg_auth_asym_id 
_struct_conf.beg_auth_seq_id 
_struct_conf.end_auth_comp_id 
_struct_conf.end_auth_asym_id 
_struct_conf.end_auth_seq_id 
_struct_conf.pdbx_PDB_helix_class 
_struct_conf.details 
_struct_conf.pdbx_PDB_helix_length 
HELX_P HELX_P1 1 THR A 16 ? GLY A 28 ? THR A 30 GLY A 42  1 ? 13 
HELX_P HELX_P2 2 ASP A 54 ? ASN A 66 ? ASP A 68 ASN A 80  1 ? 13 
HELX_P HELX_P3 3 SER A 81 ? GLY A 87 ? SER A 95 GLY A 101 1 ? 7  
# 
_struct_conf_type.id          HELX_P 
_struct_conf_type.criteria    ? 
_struct_conf_type.reference   ? 
# 
loop_
_struct_sheet.id 
_struct_sheet.type 
_struct_sheet.number_strands 
_struct_sheet.details 
AA ? 4 ? 
AB ? 2 ? 
# 
loop_
_struct_sheet_order.sheet_id 
_struct_sheet_order.range_id_1 
_struct_sheet_order.range_id_2 
_struct_sheet_order.offset 
_struct_sheet_order.sense 
AA 1 2 ? anti-parallel 
AA 2 3 ? anti-parallel 
AA 3 4 ? anti-parallel 
AB 1 2 ? anti-parallel 
# 
loop_
_struct_sheet_range.sheet_id 
_struct_sheet_range.id 
_struct_sheet_range.beg_label_comp_id 
_struct_sheet_range.beg_label_asym_id 
_struct_sheet_range.beg_label_seq_id 
_struct_sheet_range.pdbx_beg_PDB_ins_code 
_struct_sheet_range.end_label_comp_id 
_struct_sheet_range.end_label_asym_id 
_struct_sheet_range.end_label_seq_id 
_struct_sheet_range.pdbx_end_PDB_ins_code 
_struct_sheet_range.beg_auth_comp_id 
_struct_sheet_range.beg_auth_asym_id 
_struct_sheet_range.beg_auth_seq_id 
_struct_sheet_range.end_auth_comp_id 
_struct_sheet_range.end_auth_asym_id 
_struct_sheet_range.end_auth_seq_id 
AA 1 VAL A 30 ? PHE A 37 ? VAL A 44 PHE A 51 
AA 2 SER A 44 ? PHE A 52 ? SER A 58 PHE A 66 
AA 3 VAL A 5  ? GLY A 9  ? VAL A 19 GLY A 23 
AA 4 LYS A 76 ? TYR A 79 ? LYS A 90 TYR A 93 
AB 1 GLN A 69 ? LEU A 70 ? GLN A 83 LEU A 84 
AB 2 ARG A 73 ? PHE A 74 ? ARG A 87 PHE A 88 
# 
loop_
_pdbx_struct_sheet_hbond.sheet_id 
_pdbx_struct_sheet_hbond.range_id_1 
_pdbx_struct_sheet_hbond.range_id_2 
_pdbx_struct_sheet_hbond.range_1_label_atom_id 
_pdbx_struct_sheet_hbond.range_1_label_comp_id 
_pdbx_struct_sheet_hbond.range_1_label_asym_id 
_pdbx_struct_sheet_hbond.range_1_label_seq_id 
_pdbx_struct_sheet_hbond.range_1_PDB_ins_code 
_pdbx_struct_sheet_hbond.range_1_auth_atom_id 
_pdbx_struct_sheet_hbond.range_1_auth_comp_id 
_pdbx_struct_sheet_hbond.range_1_auth_asym_id 
_pdbx_struct_sheet_hbond.range_1_auth_seq_id 
_pdbx_struct_sheet_hbond.range_2_label_atom_id 
_pdbx_struct_sheet_hbond.range_2_label_comp_id 
_pdbx_struct_sheet_hbond.range_2_label_asym_id 
_pdbx_struct_sheet_hbond.range_2_label_seq_id 
_pdbx_struct_sheet_hbond.range_2_PDB_ins_code 
_pdbx_struct_sheet_hbond.range_2_auth_atom_id 
_pdbx_struct_sheet_hbond.range_2_auth_comp_id 
_pdbx_struct_sheet_hbond.range_2_auth_asym_id 
_pdbx_struct_sheet_hbond.range_2_auth_seq_id 
AA 1 2 O MET A 36 ? O MET A 50 N LYS A 45 ? N LYS A 59 
AA 2 3 N ILE A 50 ? N ILE A 64 O VAL A 6  ? O VAL A 20 
AA 3 4 N GLY A 9  ? N GLY A 23 O LYS A 76 ? O LYS A 90 
AB 1 2 N LEU A 70 ? N LEU A 84 O ARG A 73 ? O ARG A 87 
# 
_struct_site.id                   AC1 
_struct_site.pdbx_evidence_code   Software 
_struct_site.pdbx_auth_asym_id    A 
_struct_site.pdbx_auth_comp_id    PO4 
_struct_site.pdbx_auth_seq_id     1102 
_struct_site.pdbx_auth_ins_code   ? 
_struct_site.pdbx_num_residues    5 
_struct_site.details              'BINDING SITE FOR RESIDUE PO4 A 1102' 
# 
loop_
_struct_site_gen.id 
_struct_site_gen.site_id 
_struct_site_gen.pdbx_num_res 
_struct_site_gen.label_comp_id 
_struct_site_gen.label_asym_id 
_struct_site_gen.label_seq_id 
_struct_site_gen.pdbx_auth_ins_code 
_struct_site_gen.auth_comp_id 
_struct_site_gen.auth_asym_id 
_struct_site_gen.auth_seq_id 
_struct_site_gen.label_atom_id 
_struct_site_gen.label_alt_id 
_struct_site_gen.symmetry 
_struct_site_gen.details 
1 AC1 5 SER A 10 ? SER A 24 . ? 1_555 ? 
2 AC1 5 ASN A 32 ? ASN A 46 . ? 1_655 ? 
3 AC1 5 ARG A 73 ? ARG A 87 . ? 1_555 ? 
4 AC1 5 PHE A 74 ? PHE A 88 . ? 1_555 ? 
5 AC1 5 LYS A 76 ? LYS A 90 . ? 1_555 ? 
# 
_pdbx_validate_close_contact.id               1 
_pdbx_validate_close_contact.PDB_model_num    1 
_pdbx_validate_close_contact.auth_atom_id_1   OE1 
_pdbx_validate_close_contact.auth_asym_id_1   A 
_pdbx_validate_close_contact.auth_comp_id_1   GLU 
_pdbx_validate_close_contact.auth_seq_id_1    31 
_pdbx_validate_close_contact.PDB_ins_code_1   ? 
_pdbx_validate_close_contact.label_alt_id_1   ? 
_pdbx_validate_close_contact.auth_atom_id_2   O 
_pdbx_validate_close_contact.auth_asym_id_2   A 
_pdbx_validate_close_contact.auth_comp_id_2   HOH 
_pdbx_validate_close_contact.auth_seq_id_2    2038 
_pdbx_validate_close_contact.PDB_ins_code_2   ? 
_pdbx_validate_close_contact.label_alt_id_2   ? 
_pdbx_validate_close_contact.dist             1.97 
# 
_pdbx_validate_torsion.id              1 
_pdbx_validate_torsion.PDB_model_num   1 
_pdbx_validate_torsion.auth_comp_id    SER 
_pdbx_validate_torsion.auth_asym_id    A 
_pdbx_validate_torsion.auth_seq_id     94 
_pdbx_validate_torsion.PDB_ins_code    ? 
_pdbx_validate_torsion.label_alt_id    ? 
_pdbx_validate_torsion.phi             -128.36 
_pdbx_validate_torsion.psi             -161.76 
# 
loop_
_pdbx_distant_solvent_atoms.id 
_pdbx_distant_solvent_atoms.PDB_model_num 
_pdbx_distant_solvent_atoms.auth_atom_id 
_pdbx_distant_solvent_atoms.label_alt_id 
_pdbx_distant_solvent_atoms.auth_asym_id 
_pdbx_distant_solvent_atoms.auth_comp_id 
_pdbx_distant_solvent_atoms.auth_seq_id 
_pdbx_distant_solvent_atoms.PDB_ins_code 
_pdbx_distant_solvent_atoms.neighbor_macromolecule_distance 
_pdbx_distant_solvent_atoms.neighbor_ligand_distance 
1 1 O ? A HOH 2017 ? 6.84 . 
2 1 O ? A HOH 2018 ? 7.07 . 
3 1 O ? A HOH 2035 ? 5.91 . 
4 1 O ? A HOH 2050 ? 6.64 . 
# 
loop_
_pdbx_unobs_or_zero_occ_residues.id 
_pdbx_unobs_or_zero_occ_residues.PDB_model_num 
_pdbx_unobs_or_zero_occ_residues.polymer_flag 
_pdbx_unobs_or_zero_occ_residues.occupancy_flag 
_pdbx_unobs_or_zero_occ_residues.auth_asym_id 
_pdbx_unobs_or_zero_occ_residues.auth_comp_id 
_pdbx_unobs_or_zero_occ_residues.auth_seq_id 
_pdbx_unobs_or_zero_occ_residues.PDB_ins_code 
_pdbx_unobs_or_zero_occ_residues.label_asym_id 
_pdbx_unobs_or_zero_occ_residues.label_comp_id 
_pdbx_unobs_or_zero_occ_residues.label_seq_id 
1  1 Y 1 A VAL 102 ? A VAL 88 
2  1 Y 1 A SER 103 ? A SER 89 
3  1 Y 1 A GLN 104 ? A GLN 90 
4  1 Y 1 A GLN 105 ? A GLN 91 
5  1 Y 1 A GLN 106 ? A GLN 92 
6  1 Y 1 A GLN 107 ? A GLN 93 
7  1 Y 1 A GLN 108 ? A GLN 94 
8  1 Y 1 A GLN 109 ? A GLN 95 
9  1 Y 1 A TYR 110 ? A TYR 96 
10 1 Y 1 A ASN 111 ? A ASN 97 
# 
loop_
_chem_comp_atom.comp_id 
_chem_comp_atom.atom_id 
_chem_comp_atom.type_symbol 
_chem_comp_atom.pdbx_aromatic_flag 
_chem_comp_atom.pdbx_stereo_config 
_chem_comp_atom.pdbx_ordinal 
ALA N    N N N 1   
ALA CA   C N S 2   
ALA C    C N N 3   
ALA O    O N N 4   
ALA CB   C N N 5   
ALA OXT  O N N 6   
ALA H    H N N 7   
ALA H2   H N N 8   
ALA HA   H N N 9   
ALA HB1  H N N 10  
ALA HB2  H N N 11  
ALA HB3  H N N 12  
ALA HXT  H N N 13  
ARG N    N N N 14  
ARG CA   C N S 15  
ARG C    C N N 16  
ARG O    O N N 17  
ARG CB   C N N 18  
ARG CG   C N N 19  
ARG CD   C N N 20  
ARG NE   N N N 21  
ARG CZ   C N N 22  
ARG NH1  N N N 23  
ARG NH2  N N N 24  
ARG OXT  O N N 25  
ARG H    H N N 26  
ARG H2   H N N 27  
ARG HA   H N N 28  
ARG HB2  H N N 29  
ARG HB3  H N N 30  
ARG HG2  H N N 31  
ARG HG3  H N N 32  
ARG HD2  H N N 33  
ARG HD3  H N N 34  
ARG HE   H N N 35  
ARG HH11 H N N 36  
ARG HH12 H N N 37  
ARG HH21 H N N 38  
ARG HH22 H N N 39  
ARG HXT  H N N 40  
ASN N    N N N 41  
ASN CA   C N S 42  
ASN C    C N N 43  
ASN O    O N N 44  
ASN CB   C N N 45  
ASN CG   C N N 46  
ASN OD1  O N N 47  
ASN ND2  N N N 48  
ASN OXT  O N N 49  
ASN H    H N N 50  
ASN H2   H N N 51  
ASN HA   H N N 52  
ASN HB2  H N N 53  
ASN HB3  H N N 54  
ASN HD21 H N N 55  
ASN HD22 H N N 56  
ASN HXT  H N N 57  
ASP N    N N N 58  
ASP CA   C N S 59  
ASP C    C N N 60  
ASP O    O N N 61  
ASP CB   C N N 62  
ASP CG   C N N 63  
ASP OD1  O N N 64  
ASP OD2  O N N 65  
ASP OXT  O N N 66  
ASP H    H N N 67  
ASP H2   H N N 68  
ASP HA   H N N 69  
ASP HB2  H N N 70  
ASP HB3  H N N 71  
ASP HD2  H N N 72  
ASP HXT  H N N 73  
CYS N    N N N 74  
CYS CA   C N R 75  
CYS C    C N N 76  
CYS O    O N N 77  
CYS CB   C N N 78  
CYS SG   S N N 79  
CYS OXT  O N N 80  
CYS H    H N N 81  
CYS H2   H N N 82  
CYS HA   H N N 83  
CYS HB2  H N N 84  
CYS HB3  H N N 85  
CYS HG   H N N 86  
CYS HXT  H N N 87  
GLN N    N N N 88  
GLN CA   C N S 89  
GLN C    C N N 90  
GLN O    O N N 91  
GLN CB   C N N 92  
GLN CG   C N N 93  
GLN CD   C N N 94  
GLN OE1  O N N 95  
GLN NE2  N N N 96  
GLN OXT  O N N 97  
GLN H    H N N 98  
GLN H2   H N N 99  
GLN HA   H N N 100 
GLN HB2  H N N 101 
GLN HB3  H N N 102 
GLN HG2  H N N 103 
GLN HG3  H N N 104 
GLN HE21 H N N 105 
GLN HE22 H N N 106 
GLN HXT  H N N 107 
GLU N    N N N 108 
GLU CA   C N S 109 
GLU C    C N N 110 
GLU O    O N N 111 
GLU CB   C N N 112 
GLU CG   C N N 113 
GLU CD   C N N 114 
GLU OE1  O N N 115 
GLU OE2  O N N 116 
GLU OXT  O N N 117 
GLU H    H N N 118 
GLU H2   H N N 119 
GLU HA   H N N 120 
GLU HB2  H N N 121 
GLU HB3  H N N 122 
GLU HG2  H N N 123 
GLU HG3  H N N 124 
GLU HE2  H N N 125 
GLU HXT  H N N 126 
GLY N    N N N 127 
GLY CA   C N N 128 
GLY C    C N N 129 
GLY O    O N N 130 
GLY OXT  O N N 131 
GLY H    H N N 132 
GLY H2   H N N 133 
GLY HA2  H N N 134 
GLY HA3  H N N 135 
GLY HXT  H N N 136 
HOH O    O N N 137 
HOH H1   H N N 138 
HOH H2   H N N 139 
ILE N    N N N 140 
ILE CA   C N S 141 
ILE C    C N N 142 
ILE O    O N N 143 
ILE CB   C N S 144 
ILE CG1  C N N 145 
ILE CG2  C N N 146 
ILE CD1  C N N 147 
ILE OXT  O N N 148 
ILE H    H N N 149 
ILE H2   H N N 150 
ILE HA   H N N 151 
ILE HB   H N N 152 
ILE HG12 H N N 153 
ILE HG13 H N N 154 
ILE HG21 H N N 155 
ILE HG22 H N N 156 
ILE HG23 H N N 157 
ILE HD11 H N N 158 
ILE HD12 H N N 159 
ILE HD13 H N N 160 
ILE HXT  H N N 161 
LEU N    N N N 162 
LEU CA   C N S 163 
LEU C    C N N 164 
LEU O    O N N 165 
LEU CB   C N N 166 
LEU CG   C N N 167 
LEU CD1  C N N 168 
LEU CD2  C N N 169 
LEU OXT  O N N 170 
LEU H    H N N 171 
LEU H2   H N N 172 
LEU HA   H N N 173 
LEU HB2  H N N 174 
LEU HB3  H N N 175 
LEU HG   H N N 176 
LEU HD11 H N N 177 
LEU HD12 H N N 178 
LEU HD13 H N N 179 
LEU HD21 H N N 180 
LEU HD22 H N N 181 
LEU HD23 H N N 182 
LEU HXT  H N N 183 
LYS N    N N N 184 
LYS CA   C N S 185 
LYS C    C N N 186 
LYS O    O N N 187 
LYS CB   C N N 188 
LYS CG   C N N 189 
LYS CD   C N N 190 
LYS CE   C N N 191 
LYS NZ   N N N 192 
LYS OXT  O N N 193 
LYS H    H N N 194 
LYS H2   H N N 195 
LYS HA   H N N 196 
LYS HB2  H N N 197 
LYS HB3  H N N 198 
LYS HG2  H N N 199 
LYS HG3  H N N 200 
LYS HD2  H N N 201 
LYS HD3  H N N 202 
LYS HE2  H N N 203 
LYS HE3  H N N 204 
LYS HZ1  H N N 205 
LYS HZ2  H N N 206 
LYS HZ3  H N N 207 
LYS HXT  H N N 208 
MET N    N N N 209 
MET CA   C N S 210 
MET C    C N N 211 
MET O    O N N 212 
MET CB   C N N 213 
MET CG   C N N 214 
MET SD   S N N 215 
MET CE   C N N 216 
MET OXT  O N N 217 
MET H    H N N 218 
MET H2   H N N 219 
MET HA   H N N 220 
MET HB2  H N N 221 
MET HB3  H N N 222 
MET HG2  H N N 223 
MET HG3  H N N 224 
MET HE1  H N N 225 
MET HE2  H N N 226 
MET HE3  H N N 227 
MET HXT  H N N 228 
PHE N    N N N 229 
PHE CA   C N S 230 
PHE C    C N N 231 
PHE O    O N N 232 
PHE CB   C N N 233 
PHE CG   C Y N 234 
PHE CD1  C Y N 235 
PHE CD2  C Y N 236 
PHE CE1  C Y N 237 
PHE CE2  C Y N 238 
PHE CZ   C Y N 239 
PHE OXT  O N N 240 
PHE H    H N N 241 
PHE H2   H N N 242 
PHE HA   H N N 243 
PHE HB2  H N N 244 
PHE HB3  H N N 245 
PHE HD1  H N N 246 
PHE HD2  H N N 247 
PHE HE1  H N N 248 
PHE HE2  H N N 249 
PHE HZ   H N N 250 
PHE HXT  H N N 251 
PO4 P    P N N 252 
PO4 O1   O N N 253 
PO4 O2   O N N 254 
PO4 O3   O N N 255 
PO4 O4   O N N 256 
PRO N    N N N 257 
PRO CA   C N S 258 
PRO C    C N N 259 
PRO O    O N N 260 
PRO CB   C N N 261 
PRO CG   C N N 262 
PRO CD   C N N 263 
PRO OXT  O N N 264 
PRO H    H N N 265 
PRO HA   H N N 266 
PRO HB2  H N N 267 
PRO HB3  H N N 268 
PRO HG2  H N N 269 
PRO HG3  H N N 270 
PRO HD2  H N N 271 
PRO HD3  H N N 272 
PRO HXT  H N N 273 
SER N    N N N 274 
SER CA   C N S 275 
SER C    C N N 276 
SER O    O N N 277 
SER CB   C N N 278 
SER OG   O N N 279 
SER OXT  O N N 280 
SER H    H N N 281 
SER H2   H N N 282 
SER HA   H N N 283 
SER HB2  H N N 284 
SER HB3  H N N 285 
SER HG   H N N 286 
SER HXT  H N N 287 
THR N    N N N 288 
THR CA   C N S 289 
THR C    C N N 290 
THR O    O N N 291 
THR CB   C N R 292 
THR OG1  O N N 293 
THR CG2  C N N 294 
THR OXT  O N N 295 
THR H    H N N 296 
THR H2   H N N 297 
THR HA   H N N 298 
THR HB   H N N 299 
THR HG1  H N N 300 
THR HG21 H N N 301 
THR HG22 H N N 302 
THR HG23 H N N 303 
THR HXT  H N N 304 
TYR N    N N N 305 
TYR CA   C N S 306 
TYR C    C N N 307 
TYR O    O N N 308 
TYR CB   C N N 309 
TYR CG   C Y N 310 
TYR CD1  C Y N 311 
TYR CD2  C Y N 312 
TYR CE1  C Y N 313 
TYR CE2  C Y N 314 
TYR CZ   C Y N 315 
TYR OH   O N N 316 
TYR OXT  O N N 317 
TYR H    H N N 318 
TYR H2   H N N 319 
TYR HA   H N N 320 
TYR HB2  H N N 321 
TYR HB3  H N N 322 
TYR HD1  H N N 323 
TYR HD2  H N N 324 
TYR HE1  H N N 325 
TYR HE2  H N N 326 
TYR HH   H N N 327 
TYR HXT  H N N 328 
VAL N    N N N 329 
VAL CA   C N S 330 
VAL C    C N N 331 
VAL O    O N N 332 
VAL CB   C N N 333 
VAL CG1  C N N 334 
VAL CG2  C N N 335 
VAL OXT  O N N 336 
VAL H    H N N 337 
VAL H2   H N N 338 
VAL HA   H N N 339 
VAL HB   H N N 340 
VAL HG11 H N N 341 
VAL HG12 H N N 342 
VAL HG13 H N N 343 
VAL HG21 H N N 344 
VAL HG22 H N N 345 
VAL HG23 H N N 346 
VAL HXT  H N N 347 
# 
loop_
_chem_comp_bond.comp_id 
_chem_comp_bond.atom_id_1 
_chem_comp_bond.atom_id_2 
_chem_comp_bond.value_order 
_chem_comp_bond.pdbx_aromatic_flag 
_chem_comp_bond.pdbx_stereo_config 
_chem_comp_bond.pdbx_ordinal 
ALA N   CA   sing N N 1   
ALA N   H    sing N N 2   
ALA N   H2   sing N N 3   
ALA CA  C    sing N N 4   
ALA CA  CB   sing N N 5   
ALA CA  HA   sing N N 6   
ALA C   O    doub N N 7   
ALA C   OXT  sing N N 8   
ALA CB  HB1  sing N N 9   
ALA CB  HB2  sing N N 10  
ALA CB  HB3  sing N N 11  
ALA OXT HXT  sing N N 12  
ARG N   CA   sing N N 13  
ARG N   H    sing N N 14  
ARG N   H2   sing N N 15  
ARG CA  C    sing N N 16  
ARG CA  CB   sing N N 17  
ARG CA  HA   sing N N 18  
ARG C   O    doub N N 19  
ARG C   OXT  sing N N 20  
ARG CB  CG   sing N N 21  
ARG CB  HB2  sing N N 22  
ARG CB  HB3  sing N N 23  
ARG CG  CD   sing N N 24  
ARG CG  HG2  sing N N 25  
ARG CG  HG3  sing N N 26  
ARG CD  NE   sing N N 27  
ARG CD  HD2  sing N N 28  
ARG CD  HD3  sing N N 29  
ARG NE  CZ   sing N N 30  
ARG NE  HE   sing N N 31  
ARG CZ  NH1  sing N N 32  
ARG CZ  NH2  doub N N 33  
ARG NH1 HH11 sing N N 34  
ARG NH1 HH12 sing N N 35  
ARG NH2 HH21 sing N N 36  
ARG NH2 HH22 sing N N 37  
ARG OXT HXT  sing N N 38  
ASN N   CA   sing N N 39  
ASN N   H    sing N N 40  
ASN N   H2   sing N N 41  
ASN CA  C    sing N N 42  
ASN CA  CB   sing N N 43  
ASN CA  HA   sing N N 44  
ASN C   O    doub N N 45  
ASN C   OXT  sing N N 46  
ASN CB  CG   sing N N 47  
ASN CB  HB2  sing N N 48  
ASN CB  HB3  sing N N 49  
ASN CG  OD1  doub N N 50  
ASN CG  ND2  sing N N 51  
ASN ND2 HD21 sing N N 52  
ASN ND2 HD22 sing N N 53  
ASN OXT HXT  sing N N 54  
ASP N   CA   sing N N 55  
ASP N   H    sing N N 56  
ASP N   H2   sing N N 57  
ASP CA  C    sing N N 58  
ASP CA  CB   sing N N 59  
ASP CA  HA   sing N N 60  
ASP C   O    doub N N 61  
ASP C   OXT  sing N N 62  
ASP CB  CG   sing N N 63  
ASP CB  HB2  sing N N 64  
ASP CB  HB3  sing N N 65  
ASP CG  OD1  doub N N 66  
ASP CG  OD2  sing N N 67  
ASP OD2 HD2  sing N N 68  
ASP OXT HXT  sing N N 69  
CYS N   CA   sing N N 70  
CYS N   H    sing N N 71  
CYS N   H2   sing N N 72  
CYS CA  C    sing N N 73  
CYS CA  CB   sing N N 74  
CYS CA  HA   sing N N 75  
CYS C   O    doub N N 76  
CYS C   OXT  sing N N 77  
CYS CB  SG   sing N N 78  
CYS CB  HB2  sing N N 79  
CYS CB  HB3  sing N N 80  
CYS SG  HG   sing N N 81  
CYS OXT HXT  sing N N 82  
GLN N   CA   sing N N 83  
GLN N   H    sing N N 84  
GLN N   H2   sing N N 85  
GLN CA  C    sing N N 86  
GLN CA  CB   sing N N 87  
GLN CA  HA   sing N N 88  
GLN C   O    doub N N 89  
GLN C   OXT  sing N N 90  
GLN CB  CG   sing N N 91  
GLN CB  HB2  sing N N 92  
GLN CB  HB3  sing N N 93  
GLN CG  CD   sing N N 94  
GLN CG  HG2  sing N N 95  
GLN CG  HG3  sing N N 96  
GLN CD  OE1  doub N N 97  
GLN CD  NE2  sing N N 98  
GLN NE2 HE21 sing N N 99  
GLN NE2 HE22 sing N N 100 
GLN OXT HXT  sing N N 101 
GLU N   CA   sing N N 102 
GLU N   H    sing N N 103 
GLU N   H2   sing N N 104 
GLU CA  C    sing N N 105 
GLU CA  CB   sing N N 106 
GLU CA  HA   sing N N 107 
GLU C   O    doub N N 108 
GLU C   OXT  sing N N 109 
GLU CB  CG   sing N N 110 
GLU CB  HB2  sing N N 111 
GLU CB  HB3  sing N N 112 
GLU CG  CD   sing N N 113 
GLU CG  HG2  sing N N 114 
GLU CG  HG3  sing N N 115 
GLU CD  OE1  doub N N 116 
GLU CD  OE2  sing N N 117 
GLU OE2 HE2  sing N N 118 
GLU OXT HXT  sing N N 119 
GLY N   CA   sing N N 120 
GLY N   H    sing N N 121 
GLY N   H2   sing N N 122 
GLY CA  C    sing N N 123 
GLY CA  HA2  sing N N 124 
GLY CA  HA3  sing N N 125 
GLY C   O    doub N N 126 
GLY C   OXT  sing N N 127 
GLY OXT HXT  sing N N 128 
HOH O   H1   sing N N 129 
HOH O   H2   sing N N 130 
ILE N   CA   sing N N 131 
ILE N   H    sing N N 132 
ILE N   H2   sing N N 133 
ILE CA  C    sing N N 134 
ILE CA  CB   sing N N 135 
ILE CA  HA   sing N N 136 
ILE C   O    doub N N 137 
ILE C   OXT  sing N N 138 
ILE CB  CG1  sing N N 139 
ILE CB  CG2  sing N N 140 
ILE CB  HB   sing N N 141 
ILE CG1 CD1  sing N N 142 
ILE CG1 HG12 sing N N 143 
ILE CG1 HG13 sing N N 144 
ILE CG2 HG21 sing N N 145 
ILE CG2 HG22 sing N N 146 
ILE CG2 HG23 sing N N 147 
ILE CD1 HD11 sing N N 148 
ILE CD1 HD12 sing N N 149 
ILE CD1 HD13 sing N N 150 
ILE OXT HXT  sing N N 151 
LEU N   CA   sing N N 152 
LEU N   H    sing N N 153 
LEU N   H2   sing N N 154 
LEU CA  C    sing N N 155 
LEU CA  CB   sing N N 156 
LEU CA  HA   sing N N 157 
LEU C   O    doub N N 158 
LEU C   OXT  sing N N 159 
LEU CB  CG   sing N N 160 
LEU CB  HB2  sing N N 161 
LEU CB  HB3  sing N N 162 
LEU CG  CD1  sing N N 163 
LEU CG  CD2  sing N N 164 
LEU CG  HG   sing N N 165 
LEU CD1 HD11 sing N N 166 
LEU CD1 HD12 sing N N 167 
LEU CD1 HD13 sing N N 168 
LEU CD2 HD21 sing N N 169 
LEU CD2 HD22 sing N N 170 
LEU CD2 HD23 sing N N 171 
LEU OXT HXT  sing N N 172 
LYS N   CA   sing N N 173 
LYS N   H    sing N N 174 
LYS N   H2   sing N N 175 
LYS CA  C    sing N N 176 
LYS CA  CB   sing N N 177 
LYS CA  HA   sing N N 178 
LYS C   O    doub N N 179 
LYS C   OXT  sing N N 180 
LYS CB  CG   sing N N 181 
LYS CB  HB2  sing N N 182 
LYS CB  HB3  sing N N 183 
LYS CG  CD   sing N N 184 
LYS CG  HG2  sing N N 185 
LYS CG  HG3  sing N N 186 
LYS CD  CE   sing N N 187 
LYS CD  HD2  sing N N 188 
LYS CD  HD3  sing N N 189 
LYS CE  NZ   sing N N 190 
LYS CE  HE2  sing N N 191 
LYS CE  HE3  sing N N 192 
LYS NZ  HZ1  sing N N 193 
LYS NZ  HZ2  sing N N 194 
LYS NZ  HZ3  sing N N 195 
LYS OXT HXT  sing N N 196 
MET N   CA   sing N N 197 
MET N   H    sing N N 198 
MET N   H2   sing N N 199 
MET CA  C    sing N N 200 
MET CA  CB   sing N N 201 
MET CA  HA   sing N N 202 
MET C   O    doub N N 203 
MET C   OXT  sing N N 204 
MET CB  CG   sing N N 205 
MET CB  HB2  sing N N 206 
MET CB  HB3  sing N N 207 
MET CG  SD   sing N N 208 
MET CG  HG2  sing N N 209 
MET CG  HG3  sing N N 210 
MET SD  CE   sing N N 211 
MET CE  HE1  sing N N 212 
MET CE  HE2  sing N N 213 
MET CE  HE3  sing N N 214 
MET OXT HXT  sing N N 215 
PHE N   CA   sing N N 216 
PHE N   H    sing N N 217 
PHE N   H2   sing N N 218 
PHE CA  C    sing N N 219 
PHE CA  CB   sing N N 220 
PHE CA  HA   sing N N 221 
PHE C   O    doub N N 222 
PHE C   OXT  sing N N 223 
PHE CB  CG   sing N N 224 
PHE CB  HB2  sing N N 225 
PHE CB  HB3  sing N N 226 
PHE CG  CD1  doub Y N 227 
PHE CG  CD2  sing Y N 228 
PHE CD1 CE1  sing Y N 229 
PHE CD1 HD1  sing N N 230 
PHE CD2 CE2  doub Y N 231 
PHE CD2 HD2  sing N N 232 
PHE CE1 CZ   doub Y N 233 
PHE CE1 HE1  sing N N 234 
PHE CE2 CZ   sing Y N 235 
PHE CE2 HE2  sing N N 236 
PHE CZ  HZ   sing N N 237 
PHE OXT HXT  sing N N 238 
PO4 P   O1   doub N N 239 
PO4 P   O2   sing N N 240 
PO4 P   O3   sing N N 241 
PO4 P   O4   sing N N 242 
PRO N   CA   sing N N 243 
PRO N   CD   sing N N 244 
PRO N   H    sing N N 245 
PRO CA  C    sing N N 246 
PRO CA  CB   sing N N 247 
PRO CA  HA   sing N N 248 
PRO C   O    doub N N 249 
PRO C   OXT  sing N N 250 
PRO CB  CG   sing N N 251 
PRO CB  HB2  sing N N 252 
PRO CB  HB3  sing N N 253 
PRO CG  CD   sing N N 254 
PRO CG  HG2  sing N N 255 
PRO CG  HG3  sing N N 256 
PRO CD  HD2  sing N N 257 
PRO CD  HD3  sing N N 258 
PRO OXT HXT  sing N N 259 
SER N   CA   sing N N 260 
SER N   H    sing N N 261 
SER N   H2   sing N N 262 
SER CA  C    sing N N 263 
SER CA  CB   sing N N 264 
SER CA  HA   sing N N 265 
SER C   O    doub N N 266 
SER C   OXT  sing N N 267 
SER CB  OG   sing N N 268 
SER CB  HB2  sing N N 269 
SER CB  HB3  sing N N 270 
SER OG  HG   sing N N 271 
SER OXT HXT  sing N N 272 
THR N   CA   sing N N 273 
THR N   H    sing N N 274 
THR N   H2   sing N N 275 
THR CA  C    sing N N 276 
THR CA  CB   sing N N 277 
THR CA  HA   sing N N 278 
THR C   O    doub N N 279 
THR C   OXT  sing N N 280 
THR CB  OG1  sing N N 281 
THR CB  CG2  sing N N 282 
THR CB  HB   sing N N 283 
THR OG1 HG1  sing N N 284 
THR CG2 HG21 sing N N 285 
THR CG2 HG22 sing N N 286 
THR CG2 HG23 sing N N 287 
THR OXT HXT  sing N N 288 
TYR N   CA   sing N N 289 
TYR N   H    sing N N 290 
TYR N   H2   sing N N 291 
TYR CA  C    sing N N 292 
TYR CA  CB   sing N N 293 
TYR CA  HA   sing N N 294 
TYR C   O    doub N N 295 
TYR C   OXT  sing N N 296 
TYR CB  CG   sing N N 297 
TYR CB  HB2  sing N N 298 
TYR CB  HB3  sing N N 299 
TYR CG  CD1  doub Y N 300 
TYR CG  CD2  sing Y N 301 
TYR CD1 CE1  sing Y N 302 
TYR CD1 HD1  sing N N 303 
TYR CD2 CE2  doub Y N 304 
TYR CD2 HD2  sing N N 305 
TYR CE1 CZ   doub Y N 306 
TYR CE1 HE1  sing N N 307 
TYR CE2 CZ   sing Y N 308 
TYR CE2 HE2  sing N N 309 
TYR CZ  OH   sing N N 310 
TYR OH  HH   sing N N 311 
TYR OXT HXT  sing N N 312 
VAL N   CA   sing N N 313 
VAL N   H    sing N N 314 
VAL N   H2   sing N N 315 
VAL CA  C    sing N N 316 
VAL CA  CB   sing N N 317 
VAL CA  HA   sing N N 318 
VAL C   O    doub N N 319 
VAL C   OXT  sing N N 320 
VAL CB  CG1  sing N N 321 
VAL CB  CG2  sing N N 322 
VAL CB  HB   sing N N 323 
VAL CG1 HG11 sing N N 324 
VAL CG1 HG12 sing N N 325 
VAL CG1 HG13 sing N N 326 
VAL CG2 HG21 sing N N 327 
VAL CG2 HG22 sing N N 328 
VAL CG2 HG23 sing N N 329 
VAL OXT HXT  sing N N 330 
# 
_atom_sites.entry_id                    2X1B 
_atom_sites.fract_transf_matrix[1][1]   0.00167804 
_atom_sites.fract_transf_matrix[1][2]   0.03045870 
_atom_sites.fract_transf_matrix[1][3]   0.02102922 
_atom_sites.fract_transf_matrix[2][1]   0.00532262 
_atom_sites.fract_transf_matrix[2][2]   0.01494318 
_atom_sites.fract_transf_matrix[2][3]   -0.02206841 
_atom_sites.fract_transf_matrix[3][1]   -0.01055115 
_atom_sites.fract_transf_matrix[3][2]   0.00159336 
_atom_sites.fract_transf_matrix[3][3]   -0.00146589 
_atom_sites.fract_transf_vector[1]      0.522931 
_atom_sites.fract_transf_vector[2]      -0.492345 
_atom_sites.fract_transf_vector[3]      0.142260 
# 
loop_
_atom_type.symbol 
C 
N 
O 
P 
S 
# 
loop_
_atom_site.group_PDB 
_atom_site.id 
_atom_site.type_symbol 
_atom_site.label_atom_id 
_atom_site.label_alt_id 
_atom_site.label_comp_id 
_atom_site.label_asym_id 
_atom_site.label_entity_id 
_atom_site.label_seq_id 
_atom_site.pdbx_PDB_ins_code 
_atom_site.Cartn_x 
_atom_site.Cartn_y 
_atom_site.Cartn_z 
_atom_site.occupancy 
_atom_site.B_iso_or_equiv 
_atom_site.pdbx_formal_charge 
_atom_site.auth_seq_id 
_atom_site.auth_comp_id 
_atom_site.auth_asym_id 
_atom_site.auth_atom_id 
_atom_site.pdbx_PDB_model_num 
ATOM   1   N N   . GLY A 1 1  ? 1.219   8.285   -17.238 1.00 23.20 ? 15   GLY A N   1 
ATOM   2   C CA  . GLY A 1 1  ? -0.278  8.389   -17.303 1.00 22.39 ? 15   GLY A CA  1 
ATOM   3   C C   . GLY A 1 1  ? -0.966  7.742   -16.111 1.00 21.96 ? 15   GLY A C   1 
ATOM   4   O O   . GLY A 1 1  ? -0.388  7.705   -15.001 1.00 23.24 ? 15   GLY A O   1 
ATOM   5   N N   . PRO A 1 2  ? -2.190  7.213   -16.314 1.00 19.67 ? 16   PRO A N   1 
ATOM   6   C CA  . PRO A 1 2  ? -2.889  6.572   -15.196 1.00 18.40 ? 16   PRO A CA  1 
ATOM   7   C C   . PRO A 1 2  ? -2.186  5.300   -14.750 1.00 17.08 ? 16   PRO A C   1 
ATOM   8   O O   . PRO A 1 2  ? -1.427  4.695   -15.534 1.00 16.98 ? 16   PRO A O   1 
ATOM   9   C CB  . PRO A 1 2  ? -4.265  6.253   -15.782 1.00 18.38 ? 16   PRO A CB  1 
ATOM   10  C CG  . PRO A 1 2  ? -4.046  6.151   -17.204 1.00 19.67 ? 16   PRO A CG  1 
ATOM   11  C CD  . PRO A 1 2  ? -3.000  7.157   -17.541 1.00 19.63 ? 16   PRO A CD  1 
ATOM   12  N N   . SER A 1 3  ? -2.419  4.898   -13.501 1.00 15.61 ? 17   SER A N   1 
ATOM   13  C CA  . SER A 1 3  ? -1.780  3.702   -12.956 1.00 14.17 ? 17   SER A CA  1 
ATOM   14  C C   . SER A 1 3  ? -2.690  2.958   -11.999 1.00 13.11 ? 17   SER A C   1 
ATOM   15  O O   . SER A 1 3  ? -3.400  3.573   -11.208 1.00 11.60 ? 17   SER A O   1 
ATOM   16  C CB  . SER A 1 3  ? -0.501  4.063   -12.202 1.00 14.89 ? 17   SER A CB  1 
ATOM   17  O OG  . SER A 1 3  ? 0.103   2.895   -11.675 1.00 13.78 ? 17   SER A OG  1 
ATOM   18  N N   . ARG A 1 4  ? -2.622  1.632   -12.065 1.00 12.41 ? 18   ARG A N   1 
ATOM   19  C CA  . ARG A 1 4  ? -3.283  0.752   -11.083 1.00 12.94 ? 18   ARG A CA  1 
ATOM   20  C C   . ARG A 1 4  ? -2.453  0.539   -9.808  1.00 12.57 ? 18   ARG A C   1 
ATOM   21  O O   . ARG A 1 4  ? -2.952  -0.049  -8.839  1.00 12.52 ? 18   ARG A O   1 
ATOM   22  C CB  . ARG A 1 4  ? -3.590  -0.612  -11.721 1.00 13.59 ? 18   ARG A CB  1 
ATOM   23  C CG  . ARG A 1 4  ? -4.609  -0.544  -12.848 1.00 16.40 ? 18   ARG A CG  1 
ATOM   24  C CD  . ARG A 1 4  ? -4.931  -1.917  -13.433 1.00 20.27 ? 18   ARG A CD  1 
ATOM   25  N NE  . ARG A 1 4  ? -3.714  -2.624  -13.821 1.00 24.30 ? 18   ARG A NE  1 
ATOM   26  C CZ  . ARG A 1 4  ? -3.066  -2.471  -14.975 1.00 29.39 ? 18   ARG A CZ  1 
ATOM   27  N NH1 . ARG A 1 4  ? -3.515  -1.632  -15.917 1.00 32.64 ? 18   ARG A NH1 1 
ATOM   28  N NH2 . ARG A 1 4  ? -1.961  -3.178  -15.204 1.00 30.57 ? 18   ARG A NH2 1 
ATOM   29  N N   . VAL A 1 5  ? -1.196  1.000   -9.813  1.00 12.11 ? 19   VAL A N   1 
ATOM   30  C CA  . VAL A 1 5  ? -0.277  0.737   -8.727  1.00 12.02 ? 19   VAL A CA  1 
ATOM   31  C C   . VAL A 1 5  ? -0.100  1.970   -7.850  1.00 11.52 ? 19   VAL A C   1 
ATOM   32  O O   . VAL A 1 5  ? 0.063   3.088   -8.353  1.00 12.61 ? 19   VAL A O   1 
ATOM   33  C CB  . VAL A 1 5  ? 1.114   0.291   -9.228  1.00 11.86 ? 19   VAL A CB  1 
ATOM   34  C CG1 . VAL A 1 5  ? 1.987   -0.122  -8.034  1.00 12.67 ? 19   VAL A CG1 1 
ATOM   35  C CG2 . VAL A 1 5  ? 0.994   -0.848  -10.256 1.00 12.96 ? 19   VAL A CG2 1 
ATOM   36  N N   . VAL A 1 6  ? -0.130  1.748   -6.535  1.00 11.48 ? 20   VAL A N   1 
ATOM   37  C CA  . VAL A 1 6  ? 0.139   2.782   -5.544  1.00 10.93 ? 20   VAL A CA  1 
ATOM   38  C C   . VAL A 1 6  ? 1.232   2.324   -4.605  1.00 11.52 ? 20   VAL A C   1 
ATOM   39  O O   . VAL A 1 6  ? 1.458   1.120   -4.419  1.00 11.35 ? 20   VAL A O   1 
ATOM   40  C CB  . VAL A 1 6  ? -1.133  3.184   -4.698  1.00 11.16 ? 20   VAL A CB  1 
ATOM   41  C CG1 . VAL A 1 6  ? -2.308  3.588   -5.618  1.00 10.89 ? 20   VAL A CG1 1 
ATOM   42  C CG2 . VAL A 1 6  ? -1.548  2.061   -3.739  1.00 11.10 ? 20   VAL A CG2 1 
ATOM   43  N N   . TYR A 1 7  ? 1.920   3.295   -4.022  1.00 11.63 ? 21   TYR A N   1 
ATOM   44  C CA  . TYR A 1 7  ? 2.731   3.031   -2.855  1.00 12.39 ? 21   TYR A CA  1 
ATOM   45  C C   . TYR A 1 7  ? 1.925   3.432   -1.631  1.00 11.75 ? 21   TYR A C   1 
ATOM   46  O O   . TYR A 1 7  ? 1.084   4.353   -1.667  1.00 10.94 ? 21   TYR A O   1 
ATOM   47  C CB  . TYR A 1 7  ? 4.072   3.761   -2.915  1.00 13.50 ? 21   TYR A CB  1 
ATOM   48  C CG  . TYR A 1 7  ? 3.948   5.261   -2.795  1.00 15.59 ? 21   TYR A CG  1 
ATOM   49  C CD1 . TYR A 1 7  ? 3.862   5.887   -1.550  1.00 17.94 ? 21   TYR A CD1 1 
ATOM   50  C CD2 . TYR A 1 7  ? 3.906   6.057   -3.935  1.00 18.37 ? 21   TYR A CD2 1 
ATOM   51  C CE1 . TYR A 1 7  ? 3.716   7.260   -1.450  1.00 18.92 ? 21   TYR A CE1 1 
ATOM   52  C CE2 . TYR A 1 7  ? 3.781   7.421   -3.847  1.00 19.16 ? 21   TYR A CE2 1 
ATOM   53  C CZ  . TYR A 1 7  ? 3.688   8.026   -2.602  1.00 21.00 ? 21   TYR A CZ  1 
ATOM   54  O OH  . TYR A 1 7  ? 3.551   9.401   -2.546  1.00 21.18 ? 21   TYR A OH  1 
ATOM   55  N N   . LEU A 1 8  ? 2.186   2.721   -0.544  1.00 11.72 ? 22   LEU A N   1 
ATOM   56  C CA  . LEU A 1 8  ? 1.620   3.018   0.750   1.00 11.25 ? 22   LEU A CA  1 
ATOM   57  C C   . LEU A 1 8  ? 2.781   3.059   1.739   1.00 11.36 ? 22   LEU A C   1 
ATOM   58  O O   . LEU A 1 8  ? 3.450   2.039   1.973   1.00 11.45 ? 22   LEU A O   1 
ATOM   59  C CB  . LEU A 1 8  ? 0.607   1.941   1.139   1.00 11.31 ? 22   LEU A CB  1 
ATOM   60  C CG  . LEU A 1 8  ? -0.274  2.260   2.345   1.00 10.84 ? 22   LEU A CG  1 
ATOM   61  C CD1 . LEU A 1 8  ? -1.201  3.473   2.112   1.00 10.23 ? 22   LEU A CD1 1 
ATOM   62  C CD2 . LEU A 1 8  ? -1.087  1.027   2.717   1.00 11.45 ? 22   LEU A CD2 1 
ATOM   63  N N   . GLY A 1 9  ? 3.023   4.238   2.301   1.00 10.84 ? 23   GLY A N   1 
ATOM   64  C CA  . GLY A 1 9  ? 4.149   4.477   3.195   1.00 11.24 ? 23   GLY A CA  1 
ATOM   65  C C   . GLY A 1 9  ? 3.724   4.919   4.575   1.00 10.76 ? 23   GLY A C   1 
ATOM   66  O O   . GLY A 1 9  ? 2.554   5.203   4.817   1.00 10.36 ? 23   GLY A O   1 
ATOM   67  N N   . SER A 1 10 ? 4.697   4.993   5.475   1.00 11.31 ? 24   SER A N   1 
ATOM   68  C CA  . SER A 1 10 ? 4.471   5.335   6.885   1.00 11.85 ? 24   SER A CA  1 
ATOM   69  C C   . SER A 1 10 ? 3.533   4.355   7.571   1.00 11.80 ? 24   SER A C   1 
ATOM   70  O O   . SER A 1 10 ? 2.822   4.725   8.500   1.00 11.96 ? 24   SER A O   1 
ATOM   71  C CB  . SER A 1 10 ? 3.954   6.776   7.061   1.00 12.57 ? 24   SER A CB  1 
ATOM   72  O OG  . SER A 1 10 ? 4.993   7.706   6.842   1.00 15.97 ? 24   SER A OG  1 
ATOM   73  N N   . ILE A 1 11 ? 3.579   3.094   7.136   1.00 11.58 ? 25   ILE A N   1 
ATOM   74  C CA  . ILE A 1 11 ? 2.762   2.033   7.707   1.00 11.31 ? 25   ILE A CA  1 
ATOM   75  C C   . ILE A 1 11 ? 3.380   1.660   9.042   1.00 12.17 ? 25   ILE A C   1 
ATOM   76  O O   . ILE A 1 11 ? 4.600   1.504   9.114   1.00 11.88 ? 25   ILE A O   1 
ATOM   77  C CB  . ILE A 1 11 ? 2.713   0.752   6.803   1.00 10.81 ? 25   ILE A CB  1 
ATOM   78  C CG1 . ILE A 1 11 ? 2.276   1.081   5.369   1.00 9.93  ? 25   ILE A CG1 1 
ATOM   79  C CG2 . ILE A 1 11 ? 1.784   -0.309  7.426   1.00 10.86 ? 25   ILE A CG2 1 
ATOM   80  C CD1 . ILE A 1 11 ? 2.370   -0.119  4.408   1.00 9.44  ? 25   ILE A CD1 1 
ATOM   81  N N   . PRO A 1 12 ? 2.552   1.527   10.103  1.00 12.71 ? 26   PRO A N   1 
ATOM   82  C CA  . PRO A 1 12 ? 3.096   1.005   11.366  1.00 13.12 ? 26   PRO A CA  1 
ATOM   83  C C   . PRO A 1 12 ? 3.912   -0.269  11.142  1.00 13.51 ? 26   PRO A C   1 
ATOM   84  O O   . PRO A 1 12 ? 3.506   -1.149  10.390  1.00 13.54 ? 26   PRO A O   1 
ATOM   85  C CB  . PRO A 1 12 ? 1.851   0.739   12.220  1.00 12.61 ? 26   PRO A CB  1 
ATOM   86  C CG  . PRO A 1 12 ? 0.825   1.670   11.704  1.00 14.03 ? 26   PRO A CG  1 
ATOM   87  C CD  . PRO A 1 12 ? 1.131   1.908   10.236  1.00 13.07 ? 26   PRO A CD  1 
ATOM   88  N N   . TYR A 1 13 ? 5.064   -0.352  11.800  1.00 14.33 ? 27   TYR A N   1 
ATOM   89  C CA  . TYR A 1 13 ? 6.006   -1.428  11.524  1.00 15.21 ? 27   TYR A CA  1 
ATOM   90  C C   . TYR A 1 13 ? 5.467   -2.789  11.958  1.00 15.31 ? 27   TYR A C   1 
ATOM   91  O O   . TYR A 1 13 ? 5.928   -3.821  11.476  1.00 15.57 ? 27   TYR A O   1 
ATOM   92  C CB  . TYR A 1 13 ? 7.362   -1.128  12.169  1.00 15.87 ? 27   TYR A CB  1 
ATOM   93  C CG  . TYR A 1 13 ? 8.121   -0.034  11.455  1.00 16.19 ? 27   TYR A CG  1 
ATOM   94  C CD1 . TYR A 1 13 ? 8.164   1.257   11.961  1.00 18.57 ? 27   TYR A CD1 1 
ATOM   95  C CD2 . TYR A 1 13 ? 8.782   -0.284  10.268  1.00 19.49 ? 27   TYR A CD2 1 
ATOM   96  C CE1 . TYR A 1 13 ? 8.861   2.255   11.312  1.00 19.32 ? 27   TYR A CE1 1 
ATOM   97  C CE2 . TYR A 1 13 ? 9.483   0.710   9.622   1.00 20.20 ? 27   TYR A CE2 1 
ATOM   98  C CZ  . TYR A 1 13 ? 9.520   1.976   10.157  1.00 20.79 ? 27   TYR A CZ  1 
ATOM   99  O OH  . TYR A 1 13 ? 10.208  2.987   9.525   1.00 23.41 ? 27   TYR A OH  1 
ATOM   100 N N   . ASP A 1 14 ? 4.468   -2.784  12.830  1.00 15.19 ? 28   ASP A N   1 
ATOM   101 C CA  . ASP A 1 14 ? 3.856   -4.027  13.283  1.00 15.82 ? 28   ASP A CA  1 
ATOM   102 C C   . ASP A 1 14 ? 2.693   -4.520  12.409  1.00 15.67 ? 28   ASP A C   1 
ATOM   103 O O   . ASP A 1 14 ? 2.173   -5.605  12.633  1.00 16.02 ? 28   ASP A O   1 
ATOM   104 C CB  . ASP A 1 14 ? 3.464   -3.943  14.764  1.00 15.67 ? 28   ASP A CB  1 
ATOM   105 C CG  . ASP A 1 14 ? 2.384   -2.915  15.062  1.00 17.76 ? 28   ASP A CG  1 
ATOM   106 O OD1 . ASP A 1 14 ? 2.080   -2.036  14.226  1.00 17.00 ? 28   ASP A OD1 1 
ATOM   107 O OD2 . ASP A 1 14 ? 1.845   -2.975  16.187  1.00 20.84 ? 28   ASP A OD2 1 
ATOM   108 N N   . GLN A 1 15 ? 2.319   -3.756  11.386  1.00 14.96 ? 29   GLN A N   1 
ATOM   109 C CA  . GLN A 1 15 ? 1.258   -4.179  10.496  1.00 14.45 ? 29   GLN A CA  1 
ATOM   110 C C   . GLN A 1 15 ? 1.711   -5.334  9.618   1.00 14.65 ? 29   GLN A C   1 
ATOM   111 O O   . GLN A 1 15 ? 2.805   -5.312  9.032   1.00 14.02 ? 29   GLN A O   1 
ATOM   112 C CB  . GLN A 1 15 ? 0.753   -3.012  9.636   1.00 14.43 ? 29   GLN A CB  1 
ATOM   113 C CG  . GLN A 1 15 ? -0.068  -1.992  10.418  1.00 14.03 ? 29   GLN A CG  1 
ATOM   114 C CD  . GLN A 1 15 ? -1.565  -2.297  10.394  1.00 14.65 ? 29   GLN A CD  1 
ATOM   115 O OE1 . GLN A 1 15 ? -2.106  -2.592  9.348   1.00 16.23 ? 29   GLN A OE1 1 
ATOM   116 N NE2 . GLN A 1 15 ? -2.229  -2.188  11.536  1.00 17.09 ? 29   GLN A NE2 1 
ATOM   117 N N   . THR A 1 16 ? 0.846   -6.339  9.519   1.00 14.50 ? 30   THR A N   1 
ATOM   118 C CA  . THR A 1 16 ? 1.092   -7.501  8.681   1.00 15.24 ? 30   THR A CA  1 
ATOM   119 C C   . THR A 1 16 ? 0.566   -7.313  7.276   1.00 15.03 ? 30   THR A C   1 
ATOM   120 O O   . THR A 1 16 ? -0.230  -6.420  6.998   1.00 14.22 ? 30   THR A O   1 
ATOM   121 C CB  . THR A 1 16 ? 0.423   -8.759  9.267   1.00 15.10 ? 30   THR A CB  1 
ATOM   122 O OG1 . THR A 1 16 ? -0.999  -8.648  9.144   1.00 14.33 ? 30   THR A OG1 1 
ATOM   123 C CG2 . THR A 1 16 ? 0.791   -8.945  10.744  1.00 17.04 ? 30   THR A CG2 1 
ATOM   124 N N   . GLU A 1 17 ? 1.025   -8.173  6.380   1.00 15.51 ? 31   GLU A N   1 
ATOM   125 C CA  . GLU A 1 17 ? 0.577   -8.154  5.004   1.00 16.28 ? 31   GLU A CA  1 
ATOM   126 C C   . GLU A 1 17 ? -0.923  -8.424  4.942   1.00 15.51 ? 31   GLU A C   1 
ATOM   127 O O   . GLU A 1 17 ? -1.626  -7.834  4.139   1.00 15.16 ? 31   GLU A O   1 
ATOM   128 C CB  . GLU A 1 17 ? 1.343   -9.193  4.189   1.00 17.42 ? 31   GLU A CB  1 
ATOM   129 C CG  . GLU A 1 17 ? 1.203   -9.013  2.706   1.00 22.43 ? 31   GLU A CG  1 
ATOM   130 C CD  . GLU A 1 17 ? 2.155   -9.885  1.924   1.00 29.16 ? 31   GLU A CD  1 
ATOM   131 O OE1 . GLU A 1 17 ? 3.148   -9.353  1.370   1.00 34.08 ? 31   GLU A OE1 1 
ATOM   132 O OE2 . GLU A 1 17 ? 1.918   -11.116 1.875   1.00 35.34 ? 31   GLU A OE2 1 
ATOM   133 N N   . GLU A 1 18 ? -1.404  -9.313  5.805   1.00 15.26 ? 32   GLU A N   1 
ATOM   134 C CA  . GLU A 1 18 ? -2.839  -9.592  5.894   1.00 15.54 ? 32   GLU A CA  1 
ATOM   135 C C   . GLU A 1 18 ? -3.648  -8.351  6.236   1.00 14.01 ? 32   GLU A C   1 
ATOM   136 O O   . GLU A 1 18 ? -4.716  -8.128  5.665   1.00 13.64 ? 32   GLU A O   1 
ATOM   137 C CB  . GLU A 1 18 ? -3.089  -10.677 6.935   1.00 16.41 ? 32   GLU A CB  1 
ATOM   138 C CG  . GLU A 1 18 ? -4.567  -10.969 7.221   1.00 20.76 ? 32   GLU A CG  1 
ATOM   139 C CD  . GLU A 1 18 ? -4.727  -12.070 8.269   1.00 26.09 ? 32   GLU A CD  1 
ATOM   140 O OE1 . GLU A 1 18 ? -4.071  -13.120 8.107   1.00 30.38 ? 32   GLU A OE1 1 
ATOM   141 O OE2 . GLU A 1 18 ? -5.497  -11.882 9.243   1.00 30.82 ? 32   GLU A OE2 1 
ATOM   142 N N   . GLN A 1 19 ? -3.145  -7.568  7.188   1.00 13.10 ? 33   GLN A N   1 
ATOM   143 C CA  . GLN A 1 19 ? -3.825  -6.362  7.647   1.00 12.90 ? 33   GLN A CA  1 
ATOM   144 C C   . GLN A 1 19 ? -3.878  -5.316  6.535   1.00 11.93 ? 33   GLN A C   1 
ATOM   145 O O   . GLN A 1 19 ? -4.910  -4.685  6.309   1.00 11.45 ? 33   GLN A O   1 
ATOM   146 C CB  . GLN A 1 19 ? -3.127  -5.766  8.872   1.00 12.67 ? 33   GLN A CB  1 
ATOM   147 C CG  . GLN A 1 19 ? -3.402  -6.477  10.191  1.00 14.26 ? 33   GLN A CG  1 
ATOM   148 C CD  . GLN A 1 19 ? -2.569  -5.923  11.336  1.00 13.67 ? 33   GLN A CD  1 
ATOM   149 O OE1 . GLN A 1 19 ? -1.344  -5.990  11.309  1.00 15.37 ? 33   GLN A OE1 1 
ATOM   150 N NE2 . GLN A 1 19 ? -3.231  -5.380  12.348  1.00 16.53 ? 33   GLN A NE2 1 
ATOM   151 N N   . ILE A 1 20 ? -2.754  -5.136  5.850   1.00 11.78 ? 34   ILE A N   1 
ATOM   152 C CA  . ILE A 1 20 ? -2.680  -4.158  4.763   1.00 11.33 ? 34   ILE A CA  1 
ATOM   153 C C   . ILE A 1 20 ? -3.541  -4.598  3.577   1.00 11.02 ? 34   ILE A C   1 
ATOM   154 O O   . ILE A 1 20 ? -4.197  -3.770  2.953   1.00 9.92  ? 34   ILE A O   1 
ATOM   155 C CB  . ILE A 1 20 ? -1.226  -3.876  4.359   1.00 11.21 ? 34   ILE A CB  1 
ATOM   156 C CG1 . ILE A 1 20 ? -0.476  -3.226  5.537   1.00 12.82 ? 34   ILE A CG1 1 
ATOM   157 C CG2 . ILE A 1 20 ? -1.146  -2.976  3.116   1.00 11.59 ? 34   ILE A CG2 1 
ATOM   158 C CD1 . ILE A 1 20 ? -1.061  -1.915  6.033   1.00 13.33 ? 34   ILE A CD1 1 
ATOM   159 N N   . LEU A 1 21 ? -3.582  -5.902  3.300   1.00 10.26 ? 35   LEU A N   1 
ATOM   160 C CA  . LEU A 1 21 ? -4.476  -6.404  2.269   1.00 10.45 ? 35   LEU A CA  1 
ATOM   161 C C   . LEU A 1 21 ? -5.946  -6.127  2.632   1.00 9.43  ? 35   LEU A C   1 
ATOM   162 O O   . LEU A 1 21 ? -6.729  -5.758  1.779   1.00 9.11  ? 35   LEU A O   1 
ATOM   163 C CB  . LEU A 1 21 ? -4.238  -7.896  1.997   1.00 10.60 ? 35   LEU A CB  1 
ATOM   164 C CG  . LEU A 1 21 ? -5.188  -8.563  0.994   1.00 12.24 ? 35   LEU A CG  1 
ATOM   165 C CD1 . LEU A 1 21 ? -5.122  -7.869  -0.352  1.00 11.78 ? 35   LEU A CD1 1 
ATOM   166 C CD2 . LEU A 1 21 ? -4.843  -10.053 0.873   1.00 12.00 ? 35   LEU A CD2 1 
ATOM   167 N N   . ASP A 1 22 ? -6.318  -6.303  3.901   1.00 9.84  ? 36   ASP A N   1 
ATOM   168 C CA  . ASP A 1 22 ? -7.672  -5.945  4.341   1.00 9.61  ? 36   ASP A CA  1 
ATOM   169 C C   . ASP A 1 22 ? -7.959  -4.456  4.163   1.00 9.17  ? 36   ASP A C   1 
ATOM   170 O O   . ASP A 1 22 ? -8.987  -4.086  3.613   1.00 9.46  ? 36   ASP A O   1 
ATOM   171 C CB  . ASP A 1 22 ? -7.921  -6.378  5.788   1.00 9.82  ? 36   ASP A CB  1 
ATOM   172 C CG  . ASP A 1 22 ? -8.180  -7.864  5.940   1.00 11.07 ? 36   ASP A CG  1 
ATOM   173 O OD1 . ASP A 1 22 ? -8.526  -8.564  4.947   1.00 12.33 ? 36   ASP A OD1 1 
ATOM   174 O OD2 . ASP A 1 22 ? -8.073  -8.323  7.116   1.00 12.03 ? 36   ASP A OD2 1 
ATOM   175 N N   . LEU A 1 23 ? -7.012  -3.596  4.533   1.00 9.07  ? 37   LEU A N   1 
ATOM   176 C CA  . LEU A 1 23 ? -7.209  -2.150  4.405   1.00 8.91  ? 37   LEU A CA  1 
ATOM   177 C C   . LEU A 1 23 ? -7.436  -1.799  2.944   1.00 8.74  ? 37   LEU A C   1 
ATOM   178 O O   . LEU A 1 23 ? -8.377  -1.080  2.600   1.00 8.70  ? 37   LEU A O   1 
ATOM   179 C CB  . LEU A 1 23 ? -5.992  -1.394  4.932   1.00 8.77  ? 37   LEU A CB  1 
ATOM   180 C CG  . LEU A 1 23 ? -5.997  0.128   4.841   1.00 8.87  ? 37   LEU A CG  1 
ATOM   181 C CD1 . LEU A 1 23 ? -7.155  0.755   5.618   1.00 9.02  ? 37   LEU A CD1 1 
ATOM   182 C CD2 . LEU A 1 23 ? -4.627  0.702   5.262   1.00 9.17  ? 37   LEU A CD2 1 
ATOM   183 N N   . CYS A 1 24 ? -6.578  -2.323  2.072   1.00 9.20  ? 38   CYS A N   1 
ATOM   184 C CA  . CYS A 1 24 ? -6.672  -2.025  0.643   1.00 9.37  ? 38   CYS A CA  1 
ATOM   185 C C   . CYS A 1 24 ? -7.896  -2.628  -0.049  1.00 9.66  ? 38   CYS A C   1 
ATOM   186 O O   . CYS A 1 24 ? -8.493  -1.991  -0.920  1.00 10.28 ? 38   CYS A O   1 
ATOM   187 C CB  . CYS A 1 24 ? -5.376  -2.453  -0.067  1.00 9.39  ? 38   CYS A CB  1 
ATOM   188 S SG  . CYS A 1 24 ? -3.961  -1.388  0.416   1.00 10.88 ? 38   CYS A SG  1 
ATOM   189 N N   . SER A 1 25 ? -8.273  -3.844  0.341   1.00 9.37  ? 39   SER A N   1 
ATOM   190 C CA  . SER A 1 25 ? -9.448  -4.515  -0.223  1.00 10.27 ? 39   SER A CA  1 
ATOM   191 C C   . SER A 1 25 ? -10.737 -3.753  0.068   1.00 9.80  ? 39   SER A C   1 
ATOM   192 O O   . SER A 1 25 ? -11.656 -3.767  -0.726  1.00 10.43 ? 39   SER A O   1 
ATOM   193 C CB  . SER A 1 25 ? -9.531  -5.958  0.296   1.00 10.10 ? 39   SER A CB  1 
ATOM   194 O OG  . SER A 1 25 ? -8.395  -6.725  -0.137  1.00 12.10 ? 39   SER A OG  1 
ATOM   195 N N   . ASN A 1 26 ? -10.789 -3.084  1.215   1.00 10.24 ? 40   ASN A N   1 
ATOM   196 C CA  . ASN A 1 26 ? -11.890 -2.219  1.566   1.00 10.03 ? 40   ASN A CA  1 
ATOM   197 C C   . ASN A 1 26 ? -12.026 -1.129  0.503   1.00 10.39 ? 40   ASN A C   1 
ATOM   198 O O   . ASN A 1 26 ? -13.132 -0.810  0.086   1.00 11.47 ? 40   ASN A O   1 
ATOM   199 C CB  . ASN A 1 26 ? -11.676 -1.630  2.961   1.00 10.74 ? 40   ASN A CB  1 
ATOM   200 C CG  . ASN A 1 26 ? -12.964 -1.181  3.622   1.00 10.78 ? 40   ASN A CG  1 
ATOM   201 O OD1 . ASN A 1 26 ? -13.865 -0.637  2.973   1.00 14.06 ? 40   ASN A OD1 1 
ATOM   202 N ND2 . ASN A 1 26 ? -13.056 -1.395  4.918   1.00 10.53 ? 40   ASN A ND2 1 
ATOM   203 N N   . VAL A 1 27 ? -10.899 -0.586  0.054   1.00 10.17 ? 41   VAL A N   1 
ATOM   204 C CA  . VAL A 1 27 ? -10.908 0.440   -0.991  1.00 10.87 ? 41   VAL A CA  1 
ATOM   205 C C   . VAL A 1 27 ? -11.351 -0.165  -2.310  1.00 11.16 ? 41   VAL A C   1 
ATOM   206 O O   . VAL A 1 27 ? -12.249 0.363   -2.974  1.00 11.04 ? 41   VAL A O   1 
ATOM   207 C CB  . VAL A 1 27 ? -9.527  1.150   -1.120  1.00 11.11 ? 41   VAL A CB  1 
ATOM   208 C CG1 . VAL A 1 27 ? -9.524  2.093   -2.301  1.00 11.15 ? 41   VAL A CG1 1 
ATOM   209 C CG2 . VAL A 1 27 ? -9.183  1.914   0.172   1.00 12.13 ? 41   VAL A CG2 1 
ATOM   210 N N   . GLY A 1 28 ? -10.761 -1.304  -2.670  1.00 11.78 ? 42   GLY A N   1 
ATOM   211 C CA  . GLY A 1 28 ? -11.180 -2.023  -3.865  1.00 12.90 ? 42   GLY A CA  1 
ATOM   212 C C   . GLY A 1 28 ? -10.373 -3.268  -4.138  1.00 13.11 ? 42   GLY A C   1 
ATOM   213 O O   . GLY A 1 28 ? -9.423  -3.558  -3.431  1.00 12.45 ? 42   GLY A O   1 
ATOM   214 N N   . PRO A 1 29 ? -10.735 -4.009  -5.194  1.00 13.98 ? 43   PRO A N   1 
ATOM   215 C CA  . PRO A 1 29 ? -10.068 -5.272  -5.470  1.00 14.53 ? 43   PRO A CA  1 
ATOM   216 C C   . PRO A 1 29 ? -8.580  -5.147  -5.757  1.00 13.77 ? 43   PRO A C   1 
ATOM   217 O O   . PRO A 1 29 ? -8.176  -4.360  -6.621  1.00 14.85 ? 43   PRO A O   1 
ATOM   218 C CB  . PRO A 1 29 ? -10.796 -5.781  -6.716  1.00 15.14 ? 43   PRO A CB  1 
ATOM   219 C CG  . PRO A 1 29 ? -12.056 -5.169  -6.683  1.00 15.79 ? 43   PRO A CG  1 
ATOM   220 C CD  . PRO A 1 29 ? -11.910 -3.829  -6.051  1.00 15.11 ? 43   PRO A CD  1 
ATOM   221 N N   . VAL A 1 30 ? -7.788  -5.936  -5.045  1.00 12.93 ? 44   VAL A N   1 
ATOM   222 C CA  . VAL A 1 30 ? -6.343  -5.923  -5.140  1.00 12.63 ? 44   VAL A CA  1 
ATOM   223 C C   . VAL A 1 30 ? -5.893  -7.110  -5.984  1.00 13.65 ? 44   VAL A C   1 
ATOM   224 O O   . VAL A 1 30 ? -6.396  -8.218  -5.793  1.00 13.91 ? 44   VAL A O   1 
ATOM   225 C CB  . VAL A 1 30 ? -5.722  -6.018  -3.733  1.00 12.73 ? 44   VAL A CB  1 
ATOM   226 C CG1 . VAL A 1 30 ? -4.204  -6.236  -3.794  1.00 11.92 ? 44   VAL A CG1 1 
ATOM   227 C CG2 . VAL A 1 30 ? -6.099  -4.761  -2.898  1.00 10.63 ? 44   VAL A CG2 1 
ATOM   228 N N   . ILE A 1 31 ? -4.964  -6.875  -6.914  1.00 14.00 ? 45   ILE A N   1 
ATOM   229 C CA  . ILE A 1 31 ? -4.431  -7.964  -7.750  1.00 14.55 ? 45   ILE A CA  1 
ATOM   230 C C   . ILE A 1 31 ? -2.960  -8.279  -7.494  1.00 14.43 ? 45   ILE A C   1 
ATOM   231 O O   . ILE A 1 31 ? -2.438  -9.280  -7.995  1.00 14.47 ? 45   ILE A O   1 
ATOM   232 C CB  . ILE A 1 31 ? -4.722  -7.763  -9.272  1.00 14.61 ? 45   ILE A CB  1 
ATOM   233 C CG1 . ILE A 1 31 ? -4.143  -6.439  -9.785  1.00 15.63 ? 45   ILE A CG1 1 
ATOM   234 C CG2 . ILE A 1 31 ? -6.221  -7.913  -9.524  1.00 15.27 ? 45   ILE A CG2 1 
ATOM   235 C CD1 . ILE A 1 31 ? -3.940  -6.382  -11.302 1.00 16.42 ? 45   ILE A CD1 1 
ATOM   236 N N   . ASN A 1 32 ? -2.285  -7.444  -6.708  1.00 14.07 ? 46   ASN A N   1 
ATOM   237 C CA  . ASN A 1 32 ? -0.951  -7.764  -6.216  1.00 14.49 ? 46   ASN A CA  1 
ATOM   238 C C   . ASN A 1 32 ? -0.594  -6.858  -5.054  1.00 14.34 ? 46   ASN A C   1 
ATOM   239 O O   . ASN A 1 32 ? -1.102  -5.734  -4.939  1.00 13.35 ? 46   ASN A O   1 
ATOM   240 C CB  . ASN A 1 32 ? 0.117   -7.638  -7.314  1.00 14.83 ? 46   ASN A CB  1 
ATOM   241 C CG  . ASN A 1 32 ? 1.387   -8.408  -6.995  1.00 16.11 ? 46   ASN A CG  1 
ATOM   242 O OD1 . ASN A 1 32 ? 1.471   -9.145  -6.003  1.00 16.43 ? 46   ASN A OD1 1 
ATOM   243 N ND2 . ASN A 1 32 ? 2.395   -8.234  -7.844  1.00 17.36 ? 46   ASN A ND2 1 
ATOM   244 N N   . LEU A 1 33 ? 0.248   -7.369  -4.171  1.00 14.46 ? 47   LEU A N   1 
ATOM   245 C CA  . LEU A 1 33 ? 0.669   -6.626  -2.992  1.00 15.18 ? 47   LEU A CA  1 
ATOM   246 C C   . LEU A 1 33 ? 2.069   -7.062  -2.632  1.00 15.89 ? 47   LEU A C   1 
ATOM   247 O O   . LEU A 1 33 ? 2.330   -8.271  -2.483  1.00 15.50 ? 47   LEU A O   1 
ATOM   248 C CB  . LEU A 1 33 ? -0.302  -6.866  -1.829  1.00 15.23 ? 47   LEU A CB  1 
ATOM   249 C CG  . LEU A 1 33 ? -0.242  -5.879  -0.657  1.00 17.12 ? 47   LEU A CG  1 
ATOM   250 C CD1 . LEU A 1 33 ? -1.563  -5.877  0.160   1.00 18.98 ? 47   LEU A CD1 1 
ATOM   251 C CD2 . LEU A 1 33 ? 0.918   -6.203  0.226   1.00 19.88 ? 47   LEU A CD2 1 
ATOM   252 N N   . LYS A 1 34 ? 2.974   -6.096  -2.509  1.00 16.04 ? 48   LYS A N   1 
ATOM   253 C CA  . LYS A 1 34 ? 4.339   -6.375  -2.130  1.00 17.45 ? 48   LYS A CA  1 
ATOM   254 C C   . LYS A 1 34 ? 4.713   -5.493  -0.948  1.00 17.58 ? 48   LYS A C   1 
ATOM   255 O O   . LYS A 1 34 ? 4.937   -4.306  -1.114  1.00 16.73 ? 48   LYS A O   1 
ATOM   256 C CB  . LYS A 1 34 ? 5.308   -6.126  -3.288  1.00 18.01 ? 48   LYS A CB  1 
ATOM   257 C CG  . LYS A 1 34 ? 6.738   -6.536  -2.959  1.00 22.68 ? 48   LYS A CG  1 
ATOM   258 C CD  . LYS A 1 34 ? 7.704   -6.267  -4.105  1.00 27.07 ? 48   LYS A CD  1 
ATOM   259 C CE  . LYS A 1 34 ? 9.129   -6.642  -3.731  1.00 29.10 ? 48   LYS A CE  1 
ATOM   260 N NZ  . LYS A 1 34 ? 9.201   -7.966  -3.055  1.00 31.10 ? 48   LYS A NZ  1 
ATOM   261 N N   . MET A 1 35 ? 4.776   -6.093  0.234   1.00 18.17 ? 49   MET A N   1 
ATOM   262 C CA  . MET A 1 35 ? 5.267   -5.399  1.423   1.00 18.99 ? 49   MET A CA  1 
ATOM   263 C C   . MET A 1 35 ? 6.789   -5.515  1.469   1.00 18.87 ? 49   MET A C   1 
ATOM   264 O O   . MET A 1 35 ? 7.350   -6.582  1.171   1.00 18.04 ? 49   MET A O   1 
ATOM   265 C CB  . MET A 1 35 ? 4.657   -6.006  2.685   1.00 19.88 ? 49   MET A CB  1 
ATOM   266 C CG  . MET A 1 35 ? 5.194   -5.387  3.984   1.00 22.38 ? 49   MET A CG  1 
ATOM   267 S SD  . MET A 1 35 ? 4.134   -5.665  5.425   1.00 30.04 ? 49   MET A SD  1 
ATOM   268 C CE  . MET A 1 35 ? 2.656   -4.862  4.797   1.00 23.03 ? 49   MET A CE  1 
ATOM   269 N N   . MET A 1 36 ? 7.459   -4.426  1.837   1.00 18.30 ? 50   MET A N   1 
ATOM   270 C CA  . MET A 1 36 ? 8.916   -4.416  1.880   1.00 18.76 ? 50   MET A CA  1 
ATOM   271 C C   . MET A 1 36 ? 9.406   -4.782  3.275   1.00 18.58 ? 50   MET A C   1 
ATOM   272 O O   . MET A 1 36 ? 8.937   -4.237  4.284   1.00 17.48 ? 50   MET A O   1 
ATOM   273 C CB  . MET A 1 36 ? 9.455   -3.052  1.443   1.00 19.32 ? 50   MET A CB  1 
ATOM   274 C CG  . MET A 1 36 ? 8.928   -2.594  0.089   1.00 21.16 ? 50   MET A CG  1 
ATOM   275 S SD  . MET A 1 36 ? 9.354   -3.698  -1.269  1.00 26.27 ? 50   MET A SD  1 
ATOM   276 C CE  . MET A 1 36 ? 11.103  -3.399  -1.404  1.00 28.20 ? 50   MET A CE  1 
ATOM   277 N N   . PHE A 1 37 ? 10.359  -5.711  3.309   1.00 18.91 ? 51   PHE A N   1 
ATOM   278 C CA  . PHE A 1 37 ? 10.904  -6.259  4.550   1.00 19.18 ? 51   PHE A CA  1 
ATOM   279 C C   . PHE A 1 37 ? 12.424  -6.180  4.531   1.00 18.72 ? 51   PHE A C   1 
ATOM   280 O O   . PHE A 1 37 ? 13.050  -6.222  3.451   1.00 17.30 ? 51   PHE A O   1 
ATOM   281 C CB  . PHE A 1 37 ? 10.511  -7.725  4.677   1.00 20.11 ? 51   PHE A CB  1 
ATOM   282 C CG  . PHE A 1 37 ? 9.037   -7.953  4.817   1.00 23.44 ? 51   PHE A CG  1 
ATOM   283 C CD1 . PHE A 1 37 ? 8.402   -7.734  6.034   1.00 26.42 ? 51   PHE A CD1 1 
ATOM   284 C CD2 . PHE A 1 37 ? 8.288   -8.398  3.744   1.00 25.11 ? 51   PHE A CD2 1 
ATOM   285 C CE1 . PHE A 1 37 ? 7.033   -7.954  6.171   1.00 27.64 ? 51   PHE A CE1 1 
ATOM   286 C CE2 . PHE A 1 37 ? 6.923   -8.629  3.874   1.00 25.91 ? 51   PHE A CE2 1 
ATOM   287 C CZ  . PHE A 1 37 ? 6.298   -8.405  5.086   1.00 27.01 ? 51   PHE A CZ  1 
ATOM   288 N N   . ASP A 1 38 ? 13.028  -6.076  5.711   1.00 18.18 ? 52   ASP A N   1 
ATOM   289 C CA  . ASP A 1 38 ? 14.476  -6.170  5.797   1.00 18.48 ? 52   ASP A CA  1 
ATOM   290 C C   . ASP A 1 38 ? 14.876  -7.614  5.462   1.00 18.20 ? 52   ASP A C   1 
ATOM   291 O O   . ASP A 1 38 ? 14.332  -8.534  6.044   1.00 16.61 ? 52   ASP A O   1 
ATOM   292 C CB  . ASP A 1 38 ? 14.993  -5.806  7.182   1.00 18.82 ? 52   ASP A CB  1 
ATOM   293 C CG  . ASP A 1 38 ? 16.519  -5.896  7.264   1.00 21.03 ? 52   ASP A CG  1 
ATOM   294 O OD1 . ASP A 1 38 ? 17.179  -4.942  6.831   1.00 23.99 ? 52   ASP A OD1 1 
ATOM   295 O OD2 . ASP A 1 38 ? 17.064  -6.933  7.708   1.00 20.71 ? 52   ASP A OD2 1 
ATOM   296 N N   . PRO A 1 39 ? 15.823  -7.799  4.526   1.00 18.84 ? 53   PRO A N   1 
ATOM   297 C CA  . PRO A 1 39 ? 16.208  -9.141  4.068   1.00 19.55 ? 53   PRO A CA  1 
ATOM   298 C C   . PRO A 1 39 ? 16.804  -10.052 5.146   1.00 19.65 ? 53   PRO A C   1 
ATOM   299 O O   . PRO A 1 39 ? 16.743  -11.280 4.998   1.00 19.73 ? 53   PRO A O   1 
ATOM   300 C CB  . PRO A 1 39 ? 17.269  -8.866  2.998   1.00 19.85 ? 53   PRO A CB  1 
ATOM   301 C CG  . PRO A 1 39 ? 17.174  -7.437  2.678   1.00 20.89 ? 53   PRO A CG  1 
ATOM   302 C CD  . PRO A 1 39 ? 16.583  -6.746  3.837   1.00 19.32 ? 53   PRO A CD  1 
ATOM   303 N N   . GLN A 1 40 ? 17.390  -9.468  6.189   1.00 19.39 ? 54   GLN A N   1 
ATOM   304 C CA  . GLN A 1 40 ? 18.012  -10.268 7.251   1.00 19.81 ? 54   GLN A CA  1 
ATOM   305 C C   . GLN A 1 40 ? 17.101  -10.513 8.441   1.00 19.38 ? 54   GLN A C   1 
ATOM   306 O O   . GLN A 1 40 ? 16.915  -11.652 8.865   1.00 18.78 ? 54   GLN A O   1 
ATOM   307 C CB  . GLN A 1 40 ? 19.283  -9.596  7.729   1.00 19.87 ? 54   GLN A CB  1 
ATOM   308 C CG  . GLN A 1 40 ? 20.366  -9.499  6.679   1.00 21.35 ? 54   GLN A CG  1 
ATOM   309 C CD  . GLN A 1 40 ? 21.708  -9.282  7.312   1.00 23.94 ? 54   GLN A CD  1 
ATOM   310 O OE1 . GLN A 1 40 ? 22.278  -10.206 7.880   1.00 25.37 ? 54   GLN A OE1 1 
ATOM   311 N NE2 . GLN A 1 40 ? 22.201  -8.055  7.262   1.00 25.75 ? 54   GLN A NE2 1 
ATOM   312 N N   . THR A 1 41 ? 16.539  -9.436  8.979   1.00 19.90 ? 55   THR A N   1 
ATOM   313 C CA  . THR A 1 41 ? 15.705  -9.515  10.169  1.00 20.31 ? 55   THR A CA  1 
ATOM   314 C C   . THR A 1 41 ? 14.263  -9.861  9.843   1.00 20.89 ? 55   THR A C   1 
ATOM   315 O O   . THR A 1 41 ? 13.514  -10.271 10.730  1.00 21.73 ? 55   THR A O   1 
ATOM   316 C CB  . THR A 1 41 ? 15.700  -8.190  10.941  1.00 20.55 ? 55   THR A CB  1 
ATOM   317 O OG1 . THR A 1 41 ? 15.139  -7.163  10.103  1.00 20.97 ? 55   THR A OG1 1 
ATOM   318 C CG2 . THR A 1 41 ? 17.100  -7.787  11.349  1.00 20.42 ? 55   THR A CG2 1 
ATOM   319 N N   . GLY A 1 42 ? 13.847  -9.646  8.590   1.00 20.82 ? 56   GLY A N   1 
ATOM   320 C CA  . GLY A 1 42 ? 12.457  -9.860  8.214   1.00 21.19 ? 56   GLY A CA  1 
ATOM   321 C C   . GLY A 1 42 ? 11.530  -8.771  8.749   1.00 21.27 ? 56   GLY A C   1 
ATOM   322 O O   . GLY A 1 42 ? 10.315  -8.827  8.535   1.00 21.72 ? 56   GLY A O   1 
ATOM   323 N N   . ARG A 1 43 ? 12.093  -7.773  9.429   1.00 21.78 ? 57   ARG A N   1 
ATOM   324 C CA  . ARG A 1 43 ? 11.291  -6.687  10.009  1.00 22.74 ? 57   ARG A CA  1 
ATOM   325 C C   . ARG A 1 43 ? 10.654  -5.853  8.862   1.00 21.14 ? 57   ARG A C   1 
ATOM   326 O O   . ARG A 1 43 ? 11.268  -5.670  7.816   1.00 20.15 ? 57   ARG A O   1 
ATOM   327 C CB  . ARG A 1 43 ? 12.143  -5.805  10.924  1.00 23.09 ? 57   ARG A CB  1 
ATOM   328 C CG  . ARG A 1 43 ? 12.594  -6.496  12.210  1.00 27.38 ? 57   ARG A CG  1 
ATOM   329 C CD  . ARG A 1 43 ? 13.381  -5.535  13.092  1.00 31.50 ? 57   ARG A CD  1 
ATOM   330 N NE  . ARG A 1 43 ? 14.422  -6.209  13.870  1.00 34.66 ? 57   ARG A NE  1 
ATOM   331 C CZ  . ARG A 1 43 ? 15.429  -5.591  14.487  1.00 37.31 ? 57   ARG A CZ  1 
ATOM   332 N NH1 . ARG A 1 43 ? 15.548  -4.268  14.441  1.00 38.67 ? 57   ARG A NH1 1 
ATOM   333 N NH2 . ARG A 1 43 ? 16.328  -6.303  15.156  1.00 38.48 ? 57   ARG A NH2 1 
ATOM   334 N N   . SER A 1 44 ? 9.416   -5.401  9.048   1.00 20.31 ? 58   SER A N   1 
ATOM   335 C CA  . SER A 1 44 ? 8.751   -4.576  8.034   1.00 19.01 ? 58   SER A CA  1 
ATOM   336 C C   . SER A 1 44 ? 9.551   -3.301  7.840   1.00 18.36 ? 58   SER A C   1 
ATOM   337 O O   . SER A 1 44 ? 10.084  -2.735  8.801   1.00 18.71 ? 58   SER A O   1 
ATOM   338 C CB  . SER A 1 44 ? 7.301   -4.232  8.441   1.00 19.35 ? 58   SER A CB  1 
ATOM   339 O OG  . SER A 1 44 ? 6.793   -3.172  7.644   1.00 18.68 ? 58   SER A OG  1 
ATOM   340 N N   . LYS A 1 45 ? 9.653   -2.844  6.594   1.00 17.85 ? 59   LYS A N   1 
ATOM   341 C CA  . LYS A 1 45 ? 10.216  -1.531  6.312   1.00 17.70 ? 59   LYS A CA  1 
ATOM   342 C C   . LYS A 1 45 ? 9.149   -0.415  6.364   1.00 16.40 ? 59   LYS A C   1 
ATOM   343 O O   . LYS A 1 45 ? 9.465   0.752   6.149   1.00 16.42 ? 59   LYS A O   1 
ATOM   344 C CB  . LYS A 1 45 ? 10.883  -1.532  4.948   1.00 18.20 ? 59   LYS A CB  1 
ATOM   345 C CG  . LYS A 1 45 ? 12.199  -2.309  4.917   1.00 21.00 ? 59   LYS A CG  1 
ATOM   346 C CD  . LYS A 1 45 ? 12.714  -2.337  3.495   1.00 25.55 ? 59   LYS A CD  1 
ATOM   347 C CE  . LYS A 1 45 ? 14.115  -2.884  3.392   1.00 28.69 ? 59   LYS A CE  1 
ATOM   348 N NZ  . LYS A 1 45 ? 14.639  -2.649  2.012   1.00 31.56 ? 59   LYS A NZ  1 
ATOM   349 N N   . GLY A 1 46 ? 7.901   -0.781  6.631   1.00 15.17 ? 60   GLY A N   1 
ATOM   350 C CA  . GLY A 1 46 ? 6.839   0.203   6.844   1.00 14.53 ? 60   GLY A CA  1 
ATOM   351 C C   . GLY A 1 46 ? 6.308   0.822   5.557   1.00 13.60 ? 60   GLY A C   1 
ATOM   352 O O   . GLY A 1 46 ? 5.723   1.910   5.577   1.00 13.32 ? 60   GLY A O   1 
ATOM   353 N N   . TYR A 1 47 ? 6.493   0.124   4.444   1.00 13.23 ? 61   TYR A N   1 
ATOM   354 C CA  . TYR A 1 47 ? 5.849   0.514   3.184   1.00 13.40 ? 61   TYR A CA  1 
ATOM   355 C C   . TYR A 1 47 ? 5.600   -0.651  2.261   1.00 12.71 ? 61   TYR A C   1 
ATOM   356 O O   . TYR A 1 47 ? 6.186   -1.723  2.397   1.00 12.84 ? 61   TYR A O   1 
ATOM   357 C CB  . TYR A 1 47 ? 6.612   1.626   2.465   1.00 13.80 ? 61   TYR A CB  1 
ATOM   358 C CG  . TYR A 1 47 ? 7.913   1.248   1.820   1.00 16.72 ? 61   TYR A CG  1 
ATOM   359 C CD1 . TYR A 1 47 ? 8.025   1.138   0.441   1.00 20.70 ? 61   TYR A CD1 1 
ATOM   360 C CD2 . TYR A 1 47 ? 9.052   1.041   2.594   1.00 20.47 ? 61   TYR A CD2 1 
ATOM   361 C CE1 . TYR A 1 47 ? 9.239   0.814   -0.155  1.00 22.71 ? 61   TYR A CE1 1 
ATOM   362 C CE2 . TYR A 1 47 ? 10.276  0.719   2.014   1.00 22.26 ? 61   TYR A CE2 1 
ATOM   363 C CZ  . TYR A 1 47 ? 10.366  0.604   0.640   1.00 24.19 ? 61   TYR A CZ  1 
ATOM   364 O OH  . TYR A 1 47 ? 11.586  0.276   0.061   1.00 27.55 ? 61   TYR A OH  1 
ATOM   365 N N   . ALA A 1 48 ? 4.698   -0.423  1.318   1.00 12.17 ? 62   ALA A N   1 
ATOM   366 C CA  . ALA A 1 48 ? 4.240   -1.440  0.413   1.00 12.20 ? 62   ALA A CA  1 
ATOM   367 C C   . ALA A 1 48 ? 3.850   -0.837  -0.911  1.00 12.05 ? 62   ALA A C   1 
ATOM   368 O O   . ALA A 1 48 ? 3.562   0.364   -1.002  1.00 12.23 ? 62   ALA A O   1 
ATOM   369 C CB  . ALA A 1 48 ? 3.054   -2.188  1.011   1.00 11.75 ? 62   ALA A CB  1 
ATOM   370 N N   . PHE A 1 49 ? 3.866   -1.690  -1.933  1.00 12.23 ? 63   PHE A N   1 
ATOM   371 C CA  . PHE A 1 49 ? 3.267   -1.403  -3.230  1.00 12.11 ? 63   PHE A CA  1 
ATOM   372 C C   . PHE A 1 49 ? 2.040   -2.278  -3.399  1.00 11.93 ? 63   PHE A C   1 
ATOM   373 O O   . PHE A 1 49 ? 2.075   -3.480  -3.115  1.00 12.54 ? 63   PHE A O   1 
ATOM   374 C CB  . PHE A 1 49 ? 4.253   -1.672  -4.363  1.00 12.66 ? 63   PHE A CB  1 
ATOM   375 C CG  . PHE A 1 49 ? 5.506   -0.875  -4.243  1.00 14.38 ? 63   PHE A CG  1 
ATOM   376 C CD1 . PHE A 1 49 ? 5.516   0.466   -4.585  1.00 15.17 ? 63   PHE A CD1 1 
ATOM   377 C CD2 . PHE A 1 49 ? 6.654   -1.443  -3.718  1.00 17.81 ? 63   PHE A CD2 1 
ATOM   378 C CE1 . PHE A 1 49 ? 6.666   1.219   -4.435  1.00 18.13 ? 63   PHE A CE1 1 
ATOM   379 C CE2 . PHE A 1 49 ? 7.809   -0.695  -3.562  1.00 18.29 ? 63   PHE A CE2 1 
ATOM   380 C CZ  . PHE A 1 49 ? 7.822   0.627   -3.920  1.00 17.77 ? 63   PHE A CZ  1 
ATOM   381 N N   . ILE A 1 50 ? 0.947   -1.672  -3.857  1.00 11.33 ? 64   ILE A N   1 
ATOM   382 C CA  . ILE A 1 50 ? -0.303  -2.388  -4.061  1.00 11.06 ? 64   ILE A CA  1 
ATOM   383 C C   . ILE A 1 50 ? -0.793  -2.099  -5.472  1.00 11.40 ? 64   ILE A C   1 
ATOM   384 O O   . ILE A 1 50 ? -0.871  -0.935  -5.882  1.00 11.26 ? 64   ILE A O   1 
ATOM   385 C CB  . ILE A 1 50 ? -1.378  -1.933  -3.042  1.00 10.68 ? 64   ILE A CB  1 
ATOM   386 C CG1 . ILE A 1 50 ? -0.860  -2.095  -1.607  1.00 11.03 ? 64   ILE A CG1 1 
ATOM   387 C CG2 . ILE A 1 50 ? -2.697  -2.711  -3.259  1.00 10.43 ? 64   ILE A CG2 1 
ATOM   388 C CD1 . ILE A 1 50 ? -0.330  -0.794  -0.971  1.00 11.12 ? 64   ILE A CD1 1 
ATOM   389 N N   . GLU A 1 51 ? -1.101  -3.161  -6.207  1.00 12.26 ? 65   GLU A N   1 
ATOM   390 C CA  . GLU A 1 51 ? -1.744  -3.044  -7.519  1.00 12.27 ? 65   GLU A CA  1 
ATOM   391 C C   . GLU A 1 51 ? -3.217  -3.400  -7.394  1.00 12.11 ? 65   GLU A C   1 
ATOM   392 O O   . GLU A 1 51 ? -3.577  -4.492  -6.937  1.00 11.87 ? 65   GLU A O   1 
ATOM   393 C CB  . GLU A 1 51 ? -1.085  -3.951  -8.555  1.00 12.91 ? 65   GLU A CB  1 
ATOM   394 C CG  . GLU A 1 51 ? -1.674  -3.743  -9.960  1.00 14.21 ? 65   GLU A CG  1 
ATOM   395 C CD  . GLU A 1 51 ? -0.940  -4.509  -11.027 1.00 21.49 ? 65   GLU A CD  1 
ATOM   396 O OE1 . GLU A 1 51 ? 0.010   -5.237  -10.692 1.00 24.14 ? 65   GLU A OE1 1 
ATOM   397 O OE2 . GLU A 1 51 ? -1.336  -4.383  -12.203 1.00 25.74 ? 65   GLU A OE2 1 
ATOM   398 N N   . PHE A 1 52 ? -4.070  -2.458  -7.785  1.00 11.64 ? 66   PHE A N   1 
ATOM   399 C CA  . PHE A 1 52 ? -5.496  -2.675  -7.800  1.00 11.70 ? 66   PHE A CA  1 
ATOM   400 C C   . PHE A 1 52 ? -5.930  -3.188  -9.160  1.00 12.44 ? 66   PHE A C   1 
ATOM   401 O O   . PHE A 1 52 ? -5.217  -3.019  -10.153 1.00 11.50 ? 66   PHE A O   1 
ATOM   402 C CB  . PHE A 1 52 ? -6.246  -1.398  -7.431  1.00 11.70 ? 66   PHE A CB  1 
ATOM   403 C CG  . PHE A 1 52 ? -6.058  -0.988  -5.988  1.00 11.24 ? 66   PHE A CG  1 
ATOM   404 C CD1 . PHE A 1 52 ? -6.951  -1.422  -5.017  1.00 11.86 ? 66   PHE A CD1 1 
ATOM   405 C CD2 . PHE A 1 52 ? -4.979  -0.199  -5.601  1.00 10.68 ? 66   PHE A CD2 1 
ATOM   406 C CE1 . PHE A 1 52 ? -6.790  -1.065  -3.685  1.00 10.39 ? 66   PHE A CE1 1 
ATOM   407 C CE2 . PHE A 1 52 ? -4.809  0.174   -4.255  1.00 11.45 ? 66   PHE A CE2 1 
ATOM   408 C CZ  . PHE A 1 52 ? -5.722  -0.289  -3.291  1.00 10.48 ? 66   PHE A CZ  1 
ATOM   409 N N   . ARG A 1 53 ? -7.087  -3.836  -9.183  1.00 13.42 ? 67   ARG A N   1 
ATOM   410 C CA  . ARG A 1 53 ? -7.625  -4.399  -10.415 1.00 15.10 ? 67   ARG A CA  1 
ATOM   411 C C   . ARG A 1 53 ? -7.963  -3.292  -11.414 1.00 15.08 ? 67   ARG A C   1 
ATOM   412 O O   . ARG A 1 53 ? -7.809  -3.487  -12.617 1.00 15.67 ? 67   ARG A O   1 
ATOM   413 C CB  . ARG A 1 53 ? -8.855  -5.267  -10.130 1.00 16.30 ? 67   ARG A CB  1 
ATOM   414 C CG  . ARG A 1 53 ? -9.356  -6.049  -11.349 1.00 20.03 ? 67   ARG A CG  1 
ATOM   415 C CD  . ARG A 1 53 ? -10.546 -6.929  -10.979 1.00 26.44 ? 67   ARG A CD  1 
ATOM   416 N NE  . ARG A 1 53 ? -10.204 -7.947  -9.973  1.00 32.00 ? 67   ARG A NE  1 
ATOM   417 C CZ  . ARG A 1 53 ? -9.826  -9.209  -10.225 1.00 35.85 ? 67   ARG A CZ  1 
ATOM   418 N NH1 . ARG A 1 53 ? -9.716  -9.679  -11.469 1.00 36.96 ? 67   ARG A NH1 1 
ATOM   419 N NH2 . ARG A 1 53 ? -9.544  -10.019 -9.206  1.00 36.54 ? 67   ARG A NH2 1 
ATOM   420 N N   . ASP A 1 54 ? -8.373  -2.126  -10.915 1.00 14.89 ? 68   ASP A N   1 
ATOM   421 C CA  . ASP A 1 54 ? -8.768  -1.022  -11.802 1.00 14.80 ? 68   ASP A CA  1 
ATOM   422 C C   . ASP A 1 54 ? -8.345  0.373   -11.346 1.00 13.37 ? 68   ASP A C   1 
ATOM   423 O O   . ASP A 1 54 ? -7.947  0.603   -10.197 1.00 12.01 ? 68   ASP A O   1 
ATOM   424 C CB  . ASP A 1 54 ? -10.274 -1.079  -12.071 1.00 15.84 ? 68   ASP A CB  1 
ATOM   425 C CG  . ASP A 1 54 ? -11.104 -1.068  -10.807 1.00 19.48 ? 68   ASP A CG  1 
ATOM   426 O OD1 . ASP A 1 54 ? -10.712 -0.397  -9.844  1.00 24.13 ? 68   ASP A OD1 1 
ATOM   427 O OD2 . ASP A 1 54 ? -12.181 -1.723  -10.777 1.00 24.21 ? 68   ASP A OD2 1 
ATOM   428 N N   . LEU A 1 55 ? -8.451  1.301   -12.282 1.00 12.11 ? 69   LEU A N   1 
ATOM   429 C CA  . LEU A 1 55 ? -8.028  2.675   -12.086 1.00 11.09 ? 69   LEU A CA  1 
ATOM   430 C C   . LEU A 1 55 ? -8.839  3.443   -11.060 1.00 10.69 ? 69   LEU A C   1 
ATOM   431 O O   . LEU A 1 55 ? -8.298  4.312   -10.384 1.00 10.24 ? 69   LEU A O   1 
ATOM   432 C CB  . LEU A 1 55 ? -8.084  3.427   -13.419 1.00 11.50 ? 69   LEU A CB  1 
ATOM   433 C CG  . LEU A 1 55 ? -7.133  2.937   -14.504 1.00 10.84 ? 69   LEU A CG  1 
ATOM   434 C CD1 . LEU A 1 55 ? -7.346  3.792   -15.744 1.00 11.71 ? 69   LEU A CD1 1 
ATOM   435 C CD2 . LEU A 1 55 ? -5.674  2.983   -14.040 1.00 13.20 ? 69   LEU A CD2 1 
ATOM   436 N N   . GLU A 1 56 ? -10.130 3.143   -10.940 1.00 10.82 ? 70   GLU A N   1 
ATOM   437 C CA  . GLU A 1 56 ? -10.966 3.804   -9.937  1.00 11.14 ? 70   GLU A CA  1 
ATOM   438 C C   . GLU A 1 56 ? -10.486 3.465   -8.533  1.00 10.80 ? 70   GLU A C   1 
ATOM   439 O O   . GLU A 1 56 ? -10.419 4.344   -7.676  1.00 10.43 ? 70   GLU A O   1 
ATOM   440 C CB  . GLU A 1 56 ? -12.438 3.441   -10.098 1.00 11.18 ? 70   GLU A CB  1 
ATOM   441 C CG  . GLU A 1 56 ? -13.074 4.143   -11.303 1.00 11.71 ? 70   GLU A CG  1 
ATOM   442 C CD  . GLU A 1 56 ? -14.569 3.898   -11.462 1.00 12.24 ? 70   GLU A CD  1 
ATOM   443 O OE1 . GLU A 1 56 ? -15.155 3.176   -10.653 1.00 13.21 ? 70   GLU A OE1 1 
ATOM   444 O OE2 . GLU A 1 56 ? -15.154 4.479   -12.397 1.00 12.23 ? 70   GLU A OE2 1 
ATOM   445 N N   . SER A 1 57 ? -10.141 2.196   -8.324  1.00 10.95 ? 71   SER A N   1 
ATOM   446 C CA  . SER A 1 57 ? -9.676  1.718   -7.014  1.00 11.15 ? 71   SER A CA  1 
ATOM   447 C C   . SER A 1 57 ? -8.334  2.305   -6.573  1.00 10.65 ? 71   SER A C   1 
ATOM   448 O O   . SER A 1 57 ? -8.191  2.690   -5.405  1.00 10.53 ? 71   SER A O   1 
ATOM   449 C CB  . SER A 1 57 ? -9.636  0.181   -6.999  1.00 11.59 ? 71   SER A CB  1 
ATOM   450 O OG  . SER A 1 57 ? -10.945 -0.367  -7.170  1.00 13.04 ? 71   SER A OG  1 
ATOM   451 N N   . SER A 1 58 ? -7.343  2.368   -7.470  1.00 9.81  ? 72   SER A N   1 
ATOM   452 C CA  . SER A 1 58 ? -6.066  2.994   -7.120  1.00 9.76  ? 72   SER A CA  1 
ATOM   453 C C   . SER A 1 58 ? -6.239  4.476   -6.821  1.00 9.12  ? 72   SER A C   1 
ATOM   454 O O   . SER A 1 58 ? -5.638  4.986   -5.891  1.00 7.88  ? 72   SER A O   1 
ATOM   455 C CB  . SER A 1 58 ? -4.985  2.772   -8.191  1.00 10.08 ? 72   SER A CB  1 
ATOM   456 O OG  . SER A 1 58 ? -5.405  3.184   -9.480  1.00 11.00 ? 72   SER A OG  1 
ATOM   457 N N   . ALA A 1 59 ? -7.088  5.155   -7.594  1.00 8.90  ? 73   ALA A N   1 
ATOM   458 C CA  . ALA A 1 59 ? -7.399  6.557   -7.333  1.00 9.09  ? 73   ALA A CA  1 
ATOM   459 C C   . ALA A 1 59 ? -8.090  6.743   -5.983  1.00 9.01  ? 73   ALA A C   1 
ATOM   460 O O   . ALA A 1 59 ? -7.775  7.675   -5.228  1.00 8.81  ? 73   ALA A O   1 
ATOM   461 C CB  . ALA A 1 59 ? -8.258  7.159   -8.480  1.00 9.24  ? 73   ALA A CB  1 
ATOM   462 N N   . SER A 1 60 ? -9.024  5.856   -5.680  1.00 8.59  ? 74   SER A N   1 
ATOM   463 C CA  . SER A 1 60 ? -9.681  5.853   -4.378  1.00 8.88  ? 74   SER A CA  1 
ATOM   464 C C   . SER A 1 60 ? -8.700  5.622   -3.232  1.00 8.70  ? 74   SER A C   1 
ATOM   465 O O   . SER A 1 60 ? -8.850  6.213   -2.167  1.00 9.27  ? 74   SER A O   1 
ATOM   466 C CB  . SER A 1 60 ? -10.804 4.808   -4.330  1.00 9.18  ? 74   SER A CB  1 
ATOM   467 O OG  . SER A 1 60 ? -11.581 4.941   -3.139  1.00 9.20  ? 74   SER A OG  1 
ATOM   468 N N   . ALA A 1 61 ? -7.698  4.774   -3.456  1.00 9.23  ? 75   ALA A N   1 
ATOM   469 C CA  . ALA A 1 61 ? -6.665  4.511   -2.457  1.00 9.00  ? 75   ALA A CA  1 
ATOM   470 C C   . ALA A 1 61 ? -5.835  5.765   -2.188  1.00 9.62  ? 75   ALA A C   1 
ATOM   471 O O   . ALA A 1 61 ? -5.573  6.119   -1.033  1.00 9.90  ? 75   ALA A O   1 
ATOM   472 C CB  . ALA A 1 61 ? -5.780  3.348   -2.886  1.00 9.08  ? 75   ALA A CB  1 
ATOM   473 N N   . VAL A 1 62 ? -5.475  6.481   -3.249  1.00 9.36  ? 76   VAL A N   1 
ATOM   474 C CA  . VAL A 1 62 ? -4.721  7.701   -3.081  1.00 10.21 ? 76   VAL A CA  1 
ATOM   475 C C   . VAL A 1 62 ? -5.549  8.732   -2.267  1.00 10.48 ? 76   VAL A C   1 
ATOM   476 O O   . VAL A 1 62 ? -5.039  9.370   -1.347  1.00 10.84 ? 76   VAL A O   1 
ATOM   477 C CB  . VAL A 1 62 ? -4.252  8.265   -4.440  1.00 9.57  ? 76   VAL A CB  1 
ATOM   478 C CG1 . VAL A 1 62 ? -3.632  9.643   -4.256  1.00 11.06 ? 76   VAL A CG1 1 
ATOM   479 C CG2 . VAL A 1 62 ? -3.225  7.289   -5.104  1.00 10.19 ? 76   VAL A CG2 1 
ATOM   480 N N   . ARG A 1 63 ? -6.828  8.852   -2.608  1.00 10.96 ? 77   ARG A N   1 
ATOM   481 C CA  . ARG A 1 63 ? -7.754  9.787   -1.980  1.00 11.55 ? 77   ARG A CA  1 
ATOM   482 C C   . ARG A 1 63 ? -8.020  9.436   -0.520  1.00 11.41 ? 77   ARG A C   1 
ATOM   483 O O   . ARG A 1 63 ? -8.013  10.312  0.343   1.00 12.06 ? 77   ARG A O   1 
ATOM   484 C CB  . ARG A 1 63 ? -9.085  9.820   -2.763  1.00 11.44 ? 77   ARG A CB  1 
ATOM   485 C CG  . ARG A 1 63 ? -10.114 10.829  -2.236  1.00 13.82 ? 77   ARG A CG  1 
ATOM   486 C CD  . ARG A 1 63 ? -11.263 11.088  -3.215  1.00 15.89 ? 77   ARG A CD  1 
ATOM   487 N NE  . ARG A 1 63 ? -11.905 9.861   -3.659  1.00 15.52 ? 77   ARG A NE  1 
ATOM   488 C CZ  . ARG A 1 63 ? -12.807 9.171   -2.958  1.00 17.99 ? 77   ARG A CZ  1 
ATOM   489 N NH1 . ARG A 1 63 ? -13.195 9.586   -1.746  1.00 18.96 ? 77   ARG A NH1 1 
ATOM   490 N NH2 . ARG A 1 63 ? -13.320 8.048   -3.463  1.00 17.65 ? 77   ARG A NH2 1 
ATOM   491 N N   . ASN A 1 64 ? -8.276  8.163   -0.254  1.00 11.18 ? 78   ASN A N   1 
ATOM   492 C CA  . ASN A 1 64 ? -8.751  7.736   1.059   1.00 11.42 ? 78   ASN A CA  1 
ATOM   493 C C   . ASN A 1 64 ? -7.629  7.360   2.016   1.00 11.39 ? 78   ASN A C   1 
ATOM   494 O O   . ASN A 1 64 ? -7.753  7.540   3.234   1.00 10.64 ? 78   ASN A O   1 
ATOM   495 C CB  . ASN A 1 64 ? -9.694  6.551   0.902   1.00 11.72 ? 78   ASN A CB  1 
ATOM   496 C CG  . ASN A 1 64 ? -11.075 6.958   0.428   1.00 12.94 ? 78   ASN A CG  1 
ATOM   497 O OD1 . ASN A 1 64 ? -11.459 6.690   -0.702  1.00 15.83 ? 78   ASN A OD1 1 
ATOM   498 N ND2 . ASN A 1 64 ? -11.834 7.603   1.303   1.00 13.49 ? 78   ASN A ND2 1 
ATOM   499 N N   . LEU A 1 65 ? -6.547  6.806   1.481   1.00 10.71 ? 79   LEU A N   1 
ATOM   500 C CA  . LEU A 1 65 ? -5.466  6.336   2.336   1.00 11.07 ? 79   LEU A CA  1 
ATOM   501 C C   . LEU A 1 65 ? -4.361  7.353   2.578   1.00 11.26 ? 79   LEU A C   1 
ATOM   502 O O   . LEU A 1 65 ? -3.660  7.249   3.566   1.00 12.34 ? 79   LEU A O   1 
ATOM   503 C CB  . LEU A 1 65 ? -4.879  5.028   1.820   1.00 10.81 ? 79   LEU A CB  1 
ATOM   504 C CG  . LEU A 1 65 ? -5.877  3.891   1.688   1.00 11.23 ? 79   LEU A CG  1 
ATOM   505 C CD1 . LEU A 1 65 ? -5.118  2.682   1.149   1.00 10.53 ? 79   LEU A CD1 1 
ATOM   506 C CD2 . LEU A 1 65 ? -6.604  3.603   3.040   1.00 10.88 ? 79   LEU A CD2 1 
ATOM   507 N N   . ASN A 1 66 ? -4.193  8.343   1.713   1.00 12.42 ? 80   ASN A N   1 
ATOM   508 C CA  . ASN A 1 66 ? -3.205  9.373   1.995   1.00 12.91 ? 80   ASN A CA  1 
ATOM   509 C C   . ASN A 1 66 ? -3.699  10.220  3.161   1.00 13.52 ? 80   ASN A C   1 
ATOM   510 O O   . ASN A 1 66 ? -4.786  10.824  3.097   1.00 13.60 ? 80   ASN A O   1 
ATOM   511 C CB  . ASN A 1 66 ? -2.915  10.254  0.792   1.00 13.83 ? 80   ASN A CB  1 
ATOM   512 C CG  . ASN A 1 66 ? -1.710  11.150  1.033   1.00 14.68 ? 80   ASN A CG  1 
ATOM   513 O OD1 . ASN A 1 66 ? -0.600  10.661  1.242   1.00 13.96 ? 80   ASN A OD1 1 
ATOM   514 N ND2 . ASN A 1 66 ? -1.930  12.476  1.027   1.00 17.53 ? 80   ASN A ND2 1 
ATOM   515 N N   . GLY A 1 67 ? -2.925  10.240  4.240   1.00 13.91 ? 81   GLY A N   1 
ATOM   516 C CA  . GLY A 1 67 ? -3.343  10.886  5.483   1.00 14.49 ? 81   GLY A CA  1 
ATOM   517 C C   . GLY A 1 67 ? -4.232  10.080  6.399   1.00 15.20 ? 81   GLY A C   1 
ATOM   518 O O   . GLY A 1 67 ? -4.668  10.574  7.449   1.00 16.60 ? 81   GLY A O   1 
ATOM   519 N N   . TYR A 1 68 ? -4.519  8.840   6.025   1.00 15.05 ? 82   TYR A N   1 
ATOM   520 C CA  . TYR A 1 68 ? -5.313  7.966   6.862   1.00 14.70 ? 82   TYR A CA  1 
ATOM   521 C C   . TYR A 1 68 ? -4.531  7.656   8.134   1.00 15.26 ? 82   TYR A C   1 
ATOM   522 O O   . TYR A 1 68 ? -3.350  7.325   8.063   1.00 14.60 ? 82   TYR A O   1 
ATOM   523 C CB  . TYR A 1 68 ? -5.634  6.667   6.122   1.00 14.54 ? 82   TYR A CB  1 
ATOM   524 C CG  . TYR A 1 68 ? -6.432  5.673   6.921   1.00 14.43 ? 82   TYR A CG  1 
ATOM   525 C CD1 . TYR A 1 68 ? -7.802  5.824   7.083   1.00 15.21 ? 82   TYR A CD1 1 
ATOM   526 C CD2 . TYR A 1 68 ? -5.823  4.547   7.483   1.00 16.54 ? 82   TYR A CD2 1 
ATOM   527 C CE1 . TYR A 1 68 ? -8.532  4.912   7.812   1.00 16.51 ? 82   TYR A CE1 1 
ATOM   528 C CE2 . TYR A 1 68 ? -6.545  3.629   8.202   1.00 16.01 ? 82   TYR A CE2 1 
ATOM   529 C CZ  . TYR A 1 68 ? -7.894  3.817   8.369   1.00 17.34 ? 82   TYR A CZ  1 
ATOM   530 O OH  . TYR A 1 68 ? -8.633  2.916   9.078   1.00 18.23 ? 82   TYR A OH  1 
ATOM   531 N N   . GLN A 1 69 ? -5.186  7.791   9.282   1.00 15.42 ? 83   GLN A N   1 
ATOM   532 C CA  A GLN A 1 69 ? -4.578  7.518   10.586  0.50 16.24 ? 83   GLN A CA  1 
ATOM   533 C CA  B GLN A 1 69 ? -4.521  7.492   10.548  0.50 16.08 ? 83   GLN A CA  1 
ATOM   534 C C   . GLN A 1 69 ? -4.700  6.028   10.895  1.00 16.23 ? 83   GLN A C   1 
ATOM   535 O O   . GLN A 1 69 ? -5.810  5.537   11.128  1.00 16.62 ? 83   GLN A O   1 
ATOM   536 C CB  A GLN A 1 69 ? -5.254  8.380   11.680  0.50 16.27 ? 83   GLN A CB  1 
ATOM   537 C CB  B GLN A 1 69 ? -4.986  8.391   11.692  0.50 15.91 ? 83   GLN A CB  1 
ATOM   538 C CG  A GLN A 1 69 ? -4.916  9.874   11.576  0.50 16.94 ? 83   GLN A CG  1 
ATOM   539 C CG  B GLN A 1 69 ? -4.039  8.326   12.880  0.50 16.14 ? 83   GLN A CG  1 
ATOM   540 C CD  A GLN A 1 69 ? -5.815  10.828  12.400  0.50 18.10 ? 83   GLN A CD  1 
ATOM   541 C CD  B GLN A 1 69 ? -4.542  9.095   14.086  0.50 15.64 ? 83   GLN A CD  1 
ATOM   542 O OE1 A GLN A 1 69 ? -6.244  10.519  13.514  0.50 19.13 ? 83   GLN A OE1 1 
ATOM   543 O OE1 B GLN A 1 69 ? -5.254  10.086  13.953  0.50 17.36 ? 83   GLN A OE1 1 
ATOM   544 N NE2 A GLN A 1 69 ? -6.064  12.011  11.848  0.50 18.16 ? 83   GLN A NE2 1 
ATOM   545 N NE2 B GLN A 1 69 ? -4.154  8.646   15.272  0.50 15.18 ? 83   GLN A NE2 1 
ATOM   546 N N   . LEU A 1 70 ? -3.574  5.323   10.890  1.00 17.08 ? 84   LEU A N   1 
ATOM   547 C CA  . LEU A 1 70 ? -3.520  3.904   11.200  1.00 17.23 ? 84   LEU A CA  1 
ATOM   548 C C   . LEU A 1 70 ? -2.645  3.780   12.443  1.00 17.85 ? 84   LEU A C   1 
ATOM   549 O O   . LEU A 1 70 ? -1.430  3.994   12.385  1.00 17.26 ? 84   LEU A O   1 
ATOM   550 C CB  . LEU A 1 70 ? -2.939  3.117   10.026  1.00 17.21 ? 84   LEU A CB  1 
ATOM   551 C CG  . LEU A 1 70 ? -2.918  1.594   10.147  1.00 17.07 ? 84   LEU A CG  1 
ATOM   552 C CD1 . LEU A 1 70 ? -4.301  1.037   10.456  1.00 18.28 ? 84   LEU A CD1 1 
ATOM   553 C CD2 . LEU A 1 70 ? -2.345  0.987   8.884   1.00 15.19 ? 84   LEU A CD2 1 
ATOM   554 N N   . GLY A 1 71 ? -3.296  3.485   13.563  1.00 18.40 ? 85   GLY A N   1 
ATOM   555 C CA  . GLY A 1 71 ? -2.673  3.579   14.881  1.00 19.17 ? 85   GLY A CA  1 
ATOM   556 C C   . GLY A 1 71 ? -2.144  4.975   15.132  1.00 19.45 ? 85   GLY A C   1 
ATOM   557 O O   . GLY A 1 71 ? -2.876  5.965   14.991  1.00 20.26 ? 85   GLY A O   1 
ATOM   558 N N   . SER A 1 72 ? -0.862  5.060   15.476  1.00 18.84 ? 86   SER A N   1 
ATOM   559 C CA  . SER A 1 72 ? -0.217  6.335   15.758  1.00 18.39 ? 86   SER A CA  1 
ATOM   560 C C   . SER A 1 72 ? 0.388   7.012   14.528  1.00 17.86 ? 86   SER A C   1 
ATOM   561 O O   . SER A 1 72 ? 0.976   8.091   14.649  1.00 18.50 ? 86   SER A O   1 
ATOM   562 C CB  . SER A 1 72 ? 0.876   6.139   16.808  1.00 18.11 ? 86   SER A CB  1 
ATOM   563 O OG  . SER A 1 72 ? 1.910   5.314   16.321  1.00 18.88 ? 86   SER A OG  1 
ATOM   564 N N   . ARG A 1 73 ? 0.236   6.396   13.353  1.00 16.51 ? 87   ARG A N   1 
ATOM   565 C CA  . ARG A 1 73 ? 0.931   6.826   12.142  1.00 15.91 ? 87   ARG A CA  1 
ATOM   566 C C   . ARG A 1 73 ? -0.057  7.454   11.173  1.00 15.06 ? 87   ARG A C   1 
ATOM   567 O O   . ARG A 1 73 ? -1.238  7.152   11.217  1.00 14.92 ? 87   ARG A O   1 
ATOM   568 C CB  . ARG A 1 73 ? 1.583   5.631   11.437  1.00 15.74 ? 87   ARG A CB  1 
ATOM   569 C CG  . ARG A 1 73 ? 2.506   4.786   12.305  1.00 17.30 ? 87   ARG A CG  1 
ATOM   570 C CD  . ARG A 1 73 ? 3.704   5.550   12.782  1.00 18.46 ? 87   ARG A CD  1 
ATOM   571 N NE  . ARG A 1 73 ? 4.448   6.171   11.684  1.00 19.21 ? 87   ARG A NE  1 
ATOM   572 C CZ  . ARG A 1 73 ? 5.355   5.565   10.926  1.00 19.31 ? 87   ARG A CZ  1 
ATOM   573 N NH1 . ARG A 1 73 ? 5.646   4.285   11.104  1.00 21.35 ? 87   ARG A NH1 1 
ATOM   574 N NH2 . ARG A 1 73 ? 5.977   6.241   9.966   1.00 21.08 ? 87   ARG A NH2 1 
ATOM   575 N N   . PHE A 1 74 ? 0.446   8.318   10.305  1.00 13.89 ? 88   PHE A N   1 
ATOM   576 C CA  . PHE A 1 74 ? -0.362  8.865   9.211   1.00 13.79 ? 88   PHE A CA  1 
ATOM   577 C C   . PHE A 1 74 ? 0.196   8.290   7.920   1.00 12.66 ? 88   PHE A C   1 
ATOM   578 O O   . PHE A 1 74 ? 1.351   8.528   7.575   1.00 12.34 ? 88   PHE A O   1 
ATOM   579 C CB  . PHE A 1 74 ? -0.272  10.375  9.184   1.00 13.68 ? 88   PHE A CB  1 
ATOM   580 C CG  . PHE A 1 74 ? -0.767  11.025  10.439  1.00 15.44 ? 88   PHE A CG  1 
ATOM   581 C CD1 . PHE A 1 74 ? -2.076  11.449  10.544  1.00 17.67 ? 88   PHE A CD1 1 
ATOM   582 C CD2 . PHE A 1 74 ? 0.084   11.198  11.517  1.00 18.22 ? 88   PHE A CD2 1 
ATOM   583 C CE1 . PHE A 1 74 ? -2.532  12.046  11.731  1.00 19.63 ? 88   PHE A CE1 1 
ATOM   584 C CE2 . PHE A 1 74 ? -0.370  11.777  12.674  1.00 19.41 ? 88   PHE A CE2 1 
ATOM   585 C CZ  . PHE A 1 74 ? -1.675  12.194  12.775  1.00 19.56 ? 88   PHE A CZ  1 
ATOM   586 N N   . LEU A 1 75 ? -0.618  7.514   7.217   1.00 12.16 ? 89   LEU A N   1 
ATOM   587 C CA  . LEU A 1 75 ? -0.161  6.887   5.990   1.00 11.45 ? 89   LEU A CA  1 
ATOM   588 C C   . LEU A 1 75 ? 0.069   7.921   4.897   1.00 11.51 ? 89   LEU A C   1 
ATOM   589 O O   . LEU A 1 75 ? -0.518  9.011   4.891   1.00 12.16 ? 89   LEU A O   1 
ATOM   590 C CB  . LEU A 1 75 ? -1.160  5.824   5.504   1.00 11.27 ? 89   LEU A CB  1 
ATOM   591 C CG  . LEU A 1 75 ? -1.518  4.706   6.482   1.00 10.93 ? 89   LEU A CG  1 
ATOM   592 C CD1 . LEU A 1 75 ? -2.495  3.699   5.838   1.00 11.79 ? 89   LEU A CD1 1 
ATOM   593 C CD2 . LEU A 1 75 ? -0.258  3.995   7.018   1.00 11.36 ? 89   LEU A CD2 1 
ATOM   594 N N   . LYS A 1 76 ? 0.965   7.569   4.000   1.00 11.55 ? 90   LYS A N   1 
ATOM   595 C CA  . LYS A 1 76 ? 1.193   8.309   2.780   1.00 12.17 ? 90   LYS A CA  1 
ATOM   596 C C   . LYS A 1 76 ? 0.792   7.363   1.655   1.00 12.18 ? 90   LYS A C   1 
ATOM   597 O O   . LYS A 1 76 ? 1.090   6.172   1.707   1.00 12.83 ? 90   LYS A O   1 
ATOM   598 C CB  . LYS A 1 76 ? 2.657   8.712   2.691   1.00 12.76 ? 90   LYS A CB  1 
ATOM   599 C CG  . LYS A 1 76 ? 3.075   9.649   3.807   1.00 15.37 ? 90   LYS A CG  1 
ATOM   600 C CD  . LYS A 1 76 ? 4.556   9.904   3.790   1.00 20.38 ? 90   LYS A CD  1 
ATOM   601 C CE  . LYS A 1 76 ? 4.964   10.937  4.850   1.00 23.01 ? 90   LYS A CE  1 
ATOM   602 N NZ  . LYS A 1 76 ? 4.883   10.332  6.201   1.00 26.05 ? 90   LYS A NZ  1 
ATOM   603 N N   . CYS A 1 77 ? 0.079   7.869   0.661   1.00 12.25 ? 91   CYS A N   1 
ATOM   604 C CA  . CYS A 1 77 ? -0.327  7.040   -0.476  1.00 11.83 ? 91   CYS A CA  1 
ATOM   605 C C   . CYS A 1 77 ? -0.306  7.894   -1.731  1.00 12.53 ? 91   CYS A C   1 
ATOM   606 O O   . CYS A 1 77 ? -0.868  9.010   -1.759  1.00 12.51 ? 91   CYS A O   1 
ATOM   607 C CB  . CYS A 1 77 ? -1.711  6.417   -0.241  1.00 11.85 ? 91   CYS A CB  1 
ATOM   608 S SG  . CYS A 1 77 ? -2.245  5.240   -1.493  1.00 10.63 ? 91   CYS A SG  1 
ATOM   609 N N   . GLY A 1 78 ? 0.375   7.394   -2.749  1.00 12.32 ? 92   GLY A N   1 
ATOM   610 C CA  . GLY A 1 78 ? 0.403   8.031   -4.059  1.00 12.85 ? 92   GLY A CA  1 
ATOM   611 C C   . GLY A 1 78 ? 0.619   7.017   -5.152  1.00 13.59 ? 92   GLY A C   1 
ATOM   612 O O   . GLY A 1 78 ? 0.762   5.828   -4.888  1.00 13.53 ? 92   GLY A O   1 
ATOM   613 N N   . TYR A 1 79 ? 0.644   7.484   -6.388  1.00 14.15 ? 93   TYR A N   1 
ATOM   614 C CA  . TYR A 1 79 ? 0.778   6.580   -7.509  1.00 15.21 ? 93   TYR A CA  1 
ATOM   615 C C   . TYR A 1 79 ? 2.212   6.096   -7.649  1.00 17.17 ? 93   TYR A C   1 
ATOM   616 O O   . TYR A 1 79 ? 3.174   6.831   -7.363  1.00 15.79 ? 93   TYR A O   1 
ATOM   617 C CB  . TYR A 1 79 ? 0.309   7.242   -8.797  1.00 15.30 ? 93   TYR A CB  1 
ATOM   618 C CG  . TYR A 1 79 ? -1.170  7.531   -8.824  1.00 13.26 ? 93   TYR A CG  1 
ATOM   619 C CD1 . TYR A 1 79 ? -2.097  6.495   -8.998  1.00 13.82 ? 93   TYR A CD1 1 
ATOM   620 C CD2 . TYR A 1 79 ? -1.656  8.832   -8.661  1.00 14.50 ? 93   TYR A CD2 1 
ATOM   621 C CE1 . TYR A 1 79 ? -3.458  6.755   -9.041  1.00 12.86 ? 93   TYR A CE1 1 
ATOM   622 C CE2 . TYR A 1 79 ? -3.014  9.102   -8.701  1.00 13.42 ? 93   TYR A CE2 1 
ATOM   623 C CZ  . TYR A 1 79 ? -3.911  8.049   -8.892  1.00 13.18 ? 93   TYR A CZ  1 
ATOM   624 O OH  . TYR A 1 79 ? -5.251  8.306   -8.939  1.00 14.73 ? 93   TYR A OH  1 
ATOM   625 N N   . SER A 1 80 ? 2.311   4.837   -8.045  1.00 19.08 ? 94   SER A N   1 
ATOM   626 C CA  . SER A 1 80 ? 3.564   4.166   -8.313  1.00 21.88 ? 94   SER A CA  1 
ATOM   627 C C   . SER A 1 80 ? 3.435   3.545   -9.706  1.00 23.86 ? 94   SER A C   1 
ATOM   628 O O   . SER A 1 80 ? 2.565   3.947   -10.481 1.00 24.24 ? 94   SER A O   1 
ATOM   629 C CB  . SER A 1 80 ? 3.807   3.116   -7.227  1.00 21.84 ? 94   SER A CB  1 
ATOM   630 O OG  . SER A 1 80 ? 4.964   2.350   -7.480  1.00 24.08 ? 94   SER A OG  1 
ATOM   631 N N   . SER A 1 81 ? 4.291   2.580   -10.027 1.00 26.86 ? 95   SER A N   1 
ATOM   632 C CA  . SER A 1 81 ? 4.308   1.971   -11.357 1.00 28.82 ? 95   SER A CA  1 
ATOM   633 C C   . SER A 1 81 ? 4.498   0.463   -11.292 1.00 30.51 ? 95   SER A C   1 
ATOM   634 O O   . SER A 1 81 ? 4.803   -0.094  -10.235 1.00 30.46 ? 95   SER A O   1 
ATOM   635 C CB  . SER A 1 81 ? 5.444   2.576   -12.174 1.00 28.90 ? 95   SER A CB  1 
ATOM   636 O OG  . SER A 1 81 ? 6.697   2.159   -11.651 1.00 30.46 ? 95   SER A OG  1 
ATOM   637 N N   . ASN A 1 82 ? 4.334   -0.186  -12.445 1.00 32.81 ? 96   ASN A N   1 
ATOM   638 C CA  . ASN A 1 82 ? 4.634   -1.615  -12.599 1.00 34.60 ? 96   ASN A CA  1 
ATOM   639 C C   . ASN A 1 82 ? 6.083   -1.940  -12.218 1.00 35.42 ? 96   ASN A C   1 
ATOM   640 O O   . ASN A 1 82 ? 6.352   -2.988  -11.637 1.00 35.28 ? 96   ASN A O   1 
ATOM   641 C CB  . ASN A 1 82 ? 4.378   -2.072  -14.044 1.00 35.04 ? 96   ASN A CB  1 
ATOM   642 C CG  . ASN A 1 82 ? 2.914   -1.927  -14.471 1.00 37.06 ? 96   ASN A CG  1 
ATOM   643 O OD1 . ASN A 1 82 ? 1.984   -2.041  -13.659 1.00 39.86 ? 96   ASN A OD1 1 
ATOM   644 N ND2 . ASN A 1 82 ? 2.706   -1.676  -15.768 1.00 39.80 ? 96   ASN A ND2 1 
ATOM   645 N N   . SER A 1 83 ? 7.008   -1.038  -12.550 1.00 36.72 ? 97   SER A N   1 
ATOM   646 C CA  . SER A 1 83 ? 8.427   -1.203  -12.203 1.00 37.65 ? 97   SER A CA  1 
ATOM   647 C C   . SER A 1 83 ? 8.655   -1.325  -10.697 1.00 38.17 ? 97   SER A C   1 
ATOM   648 O O   . SER A 1 83 ? 9.471   -2.140  -10.242 1.00 38.41 ? 97   SER A O   1 
ATOM   649 C CB  . SER A 1 83 ? 9.251   -0.030  -12.743 1.00 37.86 ? 97   SER A CB  1 
ATOM   650 O OG  . SER A 1 83 ? 9.224   -0.010  -14.162 1.00 39.02 ? 97   SER A OG  1 
ATOM   651 N N   . ASP A 1 84 ? 7.935   -0.518  -9.924  1.00 38.61 ? 98   ASP A N   1 
ATOM   652 C CA  . ASP A 1 84 ? 8.085   -0.530  -8.473  1.00 39.04 ? 98   ASP A CA  1 
ATOM   653 C C   . ASP A 1 84 ? 7.612   -1.848  -7.868  1.00 39.18 ? 98   ASP A C   1 
ATOM   654 O O   . ASP A 1 84 ? 8.327   -2.461  -7.075  1.00 38.95 ? 98   ASP A O   1 
ATOM   655 C CB  . ASP A 1 84 ? 7.318   0.624   -7.839  1.00 39.16 ? 98   ASP A CB  1 
ATOM   656 C CG  . ASP A 1 84 ? 7.904   1.992   -8.184  1.00 39.97 ? 98   ASP A CG  1 
ATOM   657 O OD1 . ASP A 1 84 ? 8.772   2.079   -9.079  1.00 40.39 ? 98   ASP A OD1 1 
ATOM   658 O OD2 . ASP A 1 84 ? 7.473   2.989   -7.552  1.00 41.44 ? 98   ASP A OD2 1 
ATOM   659 N N   . ILE A 1 85 ? 6.412   -2.287  -8.241  1.00 39.47 ? 99   ILE A N   1 
ATOM   660 C CA  . ILE A 1 85 ? 5.852   -3.505  -7.646  1.00 39.99 ? 99   ILE A CA  1 
ATOM   661 C C   . ILE A 1 85 ? 6.544   -4.783  -8.155  1.00 41.01 ? 99   ILE A C   1 
ATOM   662 O O   . ILE A 1 85 ? 6.549   -5.798  -7.460  1.00 41.38 ? 99   ILE A O   1 
ATOM   663 C CB  . ILE A 1 85 ? 4.308   -3.595  -7.807  1.00 39.51 ? 99   ILE A CB  1 
ATOM   664 C CG1 . ILE A 1 85 ? 3.751   -4.716  -6.921  1.00 38.72 ? 99   ILE A CG1 1 
ATOM   665 C CG2 . ILE A 1 85 ? 3.914   -3.798  -9.264  1.00 39.13 ? 99   ILE A CG2 1 
ATOM   666 C CD1 . ILE A 1 85 ? 2.300   -4.552  -6.556  1.00 37.14 ? 99   ILE A CD1 1 
ATOM   667 N N   . SER A 1 86 ? 7.142   -4.721  -9.344  1.00 42.11 ? 100  SER A N   1 
ATOM   668 C CA  . SER A 1 86 ? 7.891   -5.855  -9.906  1.00 43.03 ? 100  SER A CA  1 
ATOM   669 C C   . SER A 1 86 ? 9.343   -5.953  -9.399  1.00 43.67 ? 100  SER A C   1 
ATOM   670 O O   . SER A 1 86 ? 9.992   -6.988  -9.585  1.00 44.15 ? 100  SER A O   1 
ATOM   671 C CB  . SER A 1 86 ? 7.885   -5.785  -11.437 1.00 43.09 ? 100  SER A CB  1 
ATOM   672 O OG  . SER A 1 86 ? 8.711   -4.729  -11.900 1.00 43.59 ? 100  SER A OG  1 
ATOM   673 N N   . GLY A 1 87 ? 9.854   -4.885  -8.783  1.00 44.15 ? 101  GLY A N   1 
ATOM   674 C CA  . GLY A 1 87 ? 11.202  -4.884  -8.201  1.00 44.43 ? 101  GLY A CA  1 
ATOM   675 C C   . GLY A 1 87 ? 12.265  -4.311  -9.124  1.00 44.72 ? 101  GLY A C   1 
ATOM   676 O O   . GLY A 1 87 ? 12.118  -4.323  -10.351 1.00 45.36 ? 101  GLY A O   1 
HETATM 677 P P   . PO4 B 2 .  ? 4.101   9.778   9.631   1.00 32.70 ? 1102 PO4 A P   1 
HETATM 678 O O1  . PO4 B 2 .  ? 4.467   11.112  10.263  1.00 32.46 ? 1102 PO4 A O1  1 
HETATM 679 O O2  . PO4 B 2 .  ? 5.395   9.079   9.228   1.00 31.22 ? 1102 PO4 A O2  1 
HETATM 680 O O3  . PO4 B 2 .  ? 3.330   8.947   10.663  1.00 26.87 ? 1102 PO4 A O3  1 
HETATM 681 O O4  . PO4 B 2 .  ? 3.257   10.059  8.380   1.00 30.21 ? 1102 PO4 A O4  1 
HETATM 682 O O   . HOH C 3 .  ? 0.691   8.224   -12.005 1.00 31.80 ? 2001 HOH A O   1 
HETATM 683 O O   . HOH C 3 .  ? 1.797   5.266   -14.800 1.00 47.11 ? 2002 HOH A O   1 
HETATM 684 O O   . HOH C 3 .  ? -0.959  0.345   -14.230 1.00 20.72 ? 2003 HOH A O   1 
HETATM 685 O O   . HOH C 3 .  ? -2.087  -2.646  -18.351 1.00 49.17 ? 2004 HOH A O   1 
HETATM 686 O O   . HOH C 3 .  ? -6.205  -0.359  -16.460 1.00 33.87 ? 2005 HOH A O   1 
HETATM 687 O O   . HOH C 3 .  ? 3.416   10.776  -4.890  1.00 37.92 ? 2006 HOH A O   1 
HETATM 688 O O   . HOH C 3 .  ? 3.917   10.599  -0.276  1.00 32.41 ? 2007 HOH A O   1 
HETATM 689 O O   . HOH C 3 .  ? -0.944  -0.145  -19.273 1.00 55.24 ? 2008 HOH A O   1 
HETATM 690 O O   . HOH C 3 .  ? 7.197   9.198   0.636   1.00 53.65 ? 2009 HOH A O   1 
HETATM 691 O O   . HOH C 3 .  ? 6.975   7.814   5.363   1.00 38.98 ? 2010 HOH A O   1 
HETATM 692 O O   . HOH C 3 .  ? 7.593   7.418   7.570   1.00 38.10 ? 2011 HOH A O   1 
HETATM 693 O O   . HOH C 3 .  ? 7.565   4.656   4.467   1.00 23.01 ? 2012 HOH A O   1 
HETATM 694 O O   . HOH C 3 .  ? 8.333   5.017   2.070   1.00 47.76 ? 2013 HOH A O   1 
HETATM 695 O O   . HOH C 3 .  ? 9.399   6.799   6.045   1.00 57.94 ? 2014 HOH A O   1 
HETATM 696 O O   . HOH C 3 .  ? 7.261   4.291   -0.774  1.00 39.53 ? 2015 HOH A O   1 
HETATM 697 O O   . HOH C 3 .  ? 6.075   7.299   1.843   1.00 37.21 ? 2016 HOH A O   1 
HETATM 698 O O   . HOH C 3 .  ? 10.723  8.451   3.168   1.00 48.72 ? 2017 HOH A O   1 
HETATM 699 O O   . HOH C 3 .  ? 10.003  8.226   0.091   1.00 40.38 ? 2018 HOH A O   1 
HETATM 700 O O   . HOH C 3 .  ? 11.358  5.134   6.529   1.00 52.16 ? 2019 HOH A O   1 
HETATM 701 O O   . HOH C 3 .  ? 1.709   -9.917  13.768  1.00 52.54 ? 2020 HOH A O   1 
HETATM 702 O O   . HOH C 3 .  ? 6.245   -6.195  15.200  1.00 47.29 ? 2021 HOH A O   1 
HETATM 703 O O   . HOH C 3 .  ? 0.875   -7.458  16.877  1.00 48.70 ? 2022 HOH A O   1 
HETATM 704 O O   . HOH C 3 .  ? 8.864   5.293   8.854   1.00 53.25 ? 2023 HOH A O   1 
HETATM 705 O O   . HOH C 3 .  ? 12.430  2.105   7.467   1.00 38.68 ? 2024 HOH A O   1 
HETATM 706 O O   . HOH C 3 .  ? 0.055   -13.036 4.698   1.00 33.63 ? 2025 HOH A O   1 
HETATM 707 O O   . HOH C 3 .  ? -5.676  -12.494 3.779   1.00 42.78 ? 2026 HOH A O   1 
HETATM 708 O O   . HOH C 3 .  ? 2.488   -4.792  18.064  1.00 29.86 ? 2027 HOH A O   1 
HETATM 709 O O   . HOH C 3 .  ? 3.735   -7.804  13.366  1.00 30.56 ? 2028 HOH A O   1 
HETATM 710 O O   . HOH C 3 .  ? -0.547  -1.565  13.927  1.00 21.60 ? 2029 HOH A O   1 
HETATM 711 O O   . HOH C 3 .  ? -3.127  -6.404  -17.167 1.00 46.31 ? 2030 HOH A O   1 
HETATM 712 O O   . HOH C 3 .  ? 4.850   -6.711  9.950   1.00 39.48 ? 2031 HOH A O   1 
HETATM 713 O O   . HOH C 3 .  ? -4.648  -2.055  13.104  1.00 31.79 ? 2032 HOH A O   1 
HETATM 714 O O   . HOH C 3 .  ? -11.514 -8.002  -2.976  1.00 30.51 ? 2033 HOH A O   1 
HETATM 715 O O   . HOH C 3 .  ? -14.851 -1.736  -5.826  1.00 43.95 ? 2034 HOH A O   1 
HETATM 716 O O   . HOH C 3 .  ? -3.759  13.541  -5.338  1.00 43.91 ? 2035 HOH A O   1 
HETATM 717 O O   . HOH C 3 .  ? -2.428  -10.286 10.633  1.00 24.57 ? 2036 HOH A O   1 
HETATM 718 O O   . HOH C 3 .  ? 3.166   -10.015 6.988   1.00 21.95 ? 2037 HOH A O   1 
HETATM 719 O O   . HOH C 3 .  ? 4.690   -8.929  0.227   1.00 24.28 ? 2038 HOH A O   1 
HETATM 720 O O   . HOH C 3 .  ? -1.031  -9.903  0.955   1.00 35.36 ? 2039 HOH A O   1 
HETATM 721 O O   . HOH C 3 .  ? 2.434   -13.351 2.941   1.00 37.56 ? 2040 HOH A O   1 
HETATM 722 O O   . HOH C 3 .  ? -0.157  -8.815  -11.523 1.00 41.58 ? 2041 HOH A O   1 
HETATM 723 O O   . HOH C 3 .  ? 0.189   -11.495 7.124   1.00 18.70 ? 2042 HOH A O   1 
HETATM 724 O O   . HOH C 3 .  ? -6.047  -9.848  4.285   1.00 16.72 ? 2043 HOH A O   1 
HETATM 725 O O   . HOH C 3 .  ? -1.580  -11.673 3.092   1.00 49.48 ? 2044 HOH A O   1 
HETATM 726 O O   . HOH C 3 .  ? -5.186  -9.564  10.584  1.00 40.16 ? 2045 HOH A O   1 
HETATM 727 O O   . HOH C 3 .  ? -3.624  -14.501 10.974  1.00 53.91 ? 2046 HOH A O   1 
HETATM 728 O O   . HOH C 3 .  ? 21.456  -4.577  8.512   1.00 43.84 ? 2047 HOH A O   1 
HETATM 729 O O   . HOH C 3 .  ? 18.916  -1.476  10.296  1.00 53.61 ? 2048 HOH A O   1 
HETATM 730 O O   . HOH C 3 .  ? 10.518  4.032   -1.049  1.00 52.24 ? 2049 HOH A O   1 
HETATM 731 O O   . HOH C 3 .  ? 9.754   6.353   -1.888  1.00 46.17 ? 2050 HOH A O   1 
HETATM 732 O O   . HOH C 3 .  ? 17.107  -2.049  -9.063  1.00 61.26 ? 2051 HOH A O   1 
HETATM 733 O O   . HOH C 3 .  ? -0.364  -6.614  13.826  1.00 30.27 ? 2052 HOH A O   1 
HETATM 734 O O   . HOH C 3 .  ? -1.644  -4.324  14.713  1.00 28.31 ? 2053 HOH A O   1 
HETATM 735 O O   . HOH C 3 .  ? -2.852  -8.631  13.469  1.00 48.68 ? 2054 HOH A O   1 
HETATM 736 O O   . HOH C 3 .  ? -6.784  -7.553  9.117   1.00 23.06 ? 2055 HOH A O   1 
HETATM 737 O O   . HOH C 3 .  ? -9.578  -8.564  2.459   1.00 20.05 ? 2056 HOH A O   1 
HETATM 738 O O   . HOH C 3 .  ? -0.847  -6.842  -16.207 1.00 51.10 ? 2057 HOH A O   1 
HETATM 739 O O   . HOH C 3 .  ? -10.938 -4.654  -14.119 1.00 55.58 ? 2058 HOH A O   1 
HETATM 740 O O   . HOH C 3 .  ? -13.694 -6.628  -9.497  1.00 39.13 ? 2059 HOH A O   1 
HETATM 741 O O   . HOH C 3 .  ? -12.341 -5.444  -2.642  1.00 24.79 ? 2060 HOH A O   1 
HETATM 742 O O   . HOH C 3 .  ? -14.533 -3.142  -1.658  1.00 31.63 ? 2061 HOH A O   1 
HETATM 743 O O   . HOH C 3 .  ? -8.780  -7.560  -2.761  1.00 17.28 ? 2062 HOH A O   1 
HETATM 744 O O   . HOH C 3 .  ? -14.022 2.875   -6.261  1.00 32.03 ? 2063 HOH A O   1 
HETATM 745 O O   . HOH C 3 .  ? -15.688 -1.387  0.684   1.00 18.56 ? 2064 HOH A O   1 
HETATM 746 O O   . HOH C 3 .  ? -6.533  12.283  -4.438  1.00 25.59 ? 2065 HOH A O   1 
HETATM 747 O O   . HOH C 3 .  ? -15.003 -0.493  -2.631  1.00 38.44 ? 2066 HOH A O   1 
HETATM 748 O O   . HOH C 3 .  ? -2.776  13.161  -2.829  1.00 33.72 ? 2067 HOH A O   1 
HETATM 749 O O   . HOH C 3 .  ? -11.306 6.477   6.517   1.00 51.02 ? 2068 HOH A O   1 
HETATM 750 O O   . HOH C 3 .  ? -13.445 9.893   4.715   1.00 54.47 ? 2069 HOH A O   1 
HETATM 751 O O   . HOH C 3 .  ? -9.767  -2.766  -7.996  1.00 29.83 ? 2070 HOH A O   1 
HETATM 752 O O   . HOH C 3 .  ? 1.087   12.991  -1.485  1.00 35.98 ? 2071 HOH A O   1 
HETATM 753 O O   . HOH C 3 .  ? -0.954  -10.586 -9.781  1.00 19.40 ? 2072 HOH A O   1 
HETATM 754 O O   . HOH C 3 .  ? 5.005   -9.437  -8.181  1.00 32.16 ? 2073 HOH A O   1 
HETATM 755 O O   . HOH C 3 .  ? 4.424   6.793   19.679  1.00 38.75 ? 2074 HOH A O   1 
HETATM 756 O O   . HOH C 3 .  ? 1.612   -10.313 -0.976  1.00 50.91 ? 2075 HOH A O   1 
HETATM 757 O O   . HOH C 3 .  ? -3.789  12.412  -7.790  1.00 45.01 ? 2076 HOH A O   1 
HETATM 758 O O   . HOH C 3 .  ? 1.251   11.075  -9.143  1.00 40.10 ? 2077 HOH A O   1 
HETATM 759 O O   . HOH C 3 .  ? 8.615   4.365   -4.045  1.00 41.72 ? 2078 HOH A O   1 
HETATM 760 O O   . HOH C 3 .  ? 13.650  -0.665  -8.363  1.00 60.51 ? 2079 HOH A O   1 
HETATM 761 O O   . HOH C 3 .  ? 11.118  -7.214  0.711   1.00 31.17 ? 2080 HOH A O   1 
HETATM 762 O O   . HOH C 3 .  ? 16.999  -2.966  5.114   1.00 40.94 ? 2081 HOH A O   1 
HETATM 763 O O   . HOH C 3 .  ? 19.884  -6.119  5.661   1.00 41.93 ? 2082 HOH A O   1 
HETATM 764 O O   . HOH C 3 .  ? 18.777  -1.874  6.924   1.00 55.86 ? 2083 HOH A O   1 
HETATM 765 O O   . HOH C 3 .  ? 14.916  -2.593  8.704   1.00 58.39 ? 2084 HOH A O   1 
HETATM 766 O O   . HOH C 3 .  ? 15.035  -12.227 3.095   1.00 22.14 ? 2085 HOH A O   1 
HETATM 767 O O   . HOH C 3 .  ? 24.769  -7.124  7.960   1.00 40.92 ? 2086 HOH A O   1 
HETATM 768 O O   . HOH C 3 .  ? 24.005  -11.833 6.249   1.00 44.68 ? 2087 HOH A O   1 
HETATM 769 O O   . HOH C 3 .  ? 14.085  -11.233 13.420  1.00 35.40 ? 2088 HOH A O   1 
HETATM 770 O O   . HOH C 3 .  ? 13.572  -8.541  14.758  1.00 45.60 ? 2089 HOH A O   1 
HETATM 771 O O   . HOH C 3 .  ? 16.225  -9.562  14.701  1.00 46.79 ? 2090 HOH A O   1 
HETATM 772 O O   . HOH C 3 .  ? 18.111  -2.906  15.240  1.00 42.41 ? 2091 HOH A O   1 
HETATM 773 O O   . HOH C 3 .  ? 7.879   -6.127  11.351  1.00 39.43 ? 2092 HOH A O   1 
HETATM 774 O O   . HOH C 3 .  ? 4.225   -2.948  8.322   1.00 13.12 ? 2093 HOH A O   1 
HETATM 775 O O   . HOH C 3 .  ? 17.118  -3.805  2.222   1.00 43.30 ? 2094 HOH A O   1 
HETATM 776 O O   . HOH C 3 .  ? 8.592   3.501   6.561   1.00 28.86 ? 2095 HOH A O   1 
HETATM 777 O O   . HOH C 3 .  ? 11.444  -0.264  -2.890  1.00 42.52 ? 2096 HOH A O   1 
HETATM 778 O O   . HOH C 3 .  ? -0.068  -5.592  -14.194 1.00 51.12 ? 2097 HOH A O   1 
HETATM 779 O O   . HOH C 3 .  ? 1.856   -6.978  -10.358 1.00 36.87 ? 2098 HOH A O   1 
HETATM 780 O O   . HOH C 3 .  ? -6.622  -5.549  -13.902 1.00 38.09 ? 2099 HOH A O   1 
HETATM 781 O O   . HOH C 3 .  ? -10.878 -13.007 -8.089  1.00 31.72 ? 2100 HOH A O   1 
HETATM 782 O O   . HOH C 3 .  ? -12.470 -11.898 -11.699 1.00 40.16 ? 2101 HOH A O   1 
HETATM 783 O O   . HOH C 3 .  ? -9.425  -2.623  -15.381 1.00 34.79 ? 2102 HOH A O   1 
HETATM 784 O O   . HOH C 3 .  ? -13.698 -0.313  -12.189 1.00 29.18 ? 2103 HOH A O   1 
HETATM 785 O O   . HOH C 3 .  ? -12.178 -4.166  -11.727 1.00 44.12 ? 2104 HOH A O   1 
HETATM 786 O O   . HOH C 3 .  ? -15.123 1.667   -8.297  1.00 34.44 ? 2105 HOH A O   1 
HETATM 787 O O   . HOH C 3 .  ? -12.825 0.497   -5.840  1.00 36.01 ? 2106 HOH A O   1 
HETATM 788 O O   . HOH C 3 .  ? -13.960 -0.655  -8.247  1.00 52.68 ? 2107 HOH A O   1 
HETATM 789 O O   . HOH C 3 .  ? -7.340  10.201  -6.077  1.00 17.54 ? 2108 HOH A O   1 
HETATM 790 O O   . HOH C 3 .  ? -13.208 2.844   -3.271  1.00 18.21 ? 2109 HOH A O   1 
HETATM 791 O O   . HOH C 3 .  ? -4.756  12.254  -1.534  1.00 24.16 ? 2110 HOH A O   1 
HETATM 792 O O   . HOH C 3 .  ? -12.616 12.004  -0.054  1.00 33.10 ? 2111 HOH A O   1 
HETATM 793 O O   . HOH C 3 .  ? -14.455 7.151   -0.992  1.00 36.11 ? 2112 HOH A O   1 
HETATM 794 O O   . HOH C 3 .  ? -11.855 6.842   4.114   1.00 40.77 ? 2113 HOH A O   1 
HETATM 795 O O   . HOH C 3 .  ? -14.491 8.129   1.419   1.00 42.62 ? 2114 HOH A O   1 
HETATM 796 O O   . HOH C 3 .  ? -9.586  8.322   4.864   1.00 33.77 ? 2115 HOH A O   1 
HETATM 797 O O   . HOH C 3 .  ? 1.826   11.830  0.866   1.00 30.82 ? 2116 HOH A O   1 
HETATM 798 O O   . HOH C 3 .  ? -4.611  13.736  1.068   1.00 34.03 ? 2117 HOH A O   1 
HETATM 799 O O   . HOH C 3 .  ? -6.565  11.872  8.670   1.00 34.19 ? 2118 HOH A O   1 
HETATM 800 O O   . HOH C 3 .  ? -10.994 3.517   9.736   1.00 25.57 ? 2119 HOH A O   1 
HETATM 801 O O   . HOH C 3 .  ? -7.856  0.221   9.663   1.00 16.87 ? 2120 HOH A O   1 
HETATM 802 O O   . HOH C 3 .  ? -2.223  8.798   17.739  1.00 30.63 ? 2121 HOH A O   1 
HETATM 803 O O   . HOH C 3 .  ? -7.953  8.603   9.326   1.00 23.83 ? 2122 HOH A O   1 
HETATM 804 O O   . HOH C 3 .  ? -8.302  6.431   11.027  1.00 26.63 ? 2123 HOH A O   1 
HETATM 805 O O   . HOH C 3 .  ? -7.199  11.534  16.140  1.00 39.61 ? 2124 HOH A O   1 
HETATM 806 O O   . HOH C 3 .  ? -8.473  9.074   12.790  1.00 46.00 ? 2125 HOH A O   1 
HETATM 807 O O   . HOH C 3 .  ? -7.463  3.337   12.074  1.00 44.40 ? 2126 HOH A O   1 
HETATM 808 O O   . HOH C 3 .  ? -8.603  10.750  10.406  1.00 39.74 ? 2127 HOH A O   1 
HETATM 809 O O   . HOH C 3 .  ? -6.022  2.181   13.799  1.00 36.04 ? 2128 HOH A O   1 
HETATM 810 O O   . HOH C 3 .  ? -5.875  5.523   15.025  1.00 37.83 ? 2129 HOH A O   1 
HETATM 811 O O   . HOH C 3 .  ? -4.289  0.322   15.051  1.00 50.78 ? 2130 HOH A O   1 
HETATM 812 O O   . HOH C 3 .  ? -3.133  5.931   18.130  1.00 51.50 ? 2131 HOH A O   1 
HETATM 813 O O   . HOH C 3 .  ? 3.250   4.585   18.649  1.00 31.95 ? 2132 HOH A O   1 
HETATM 814 O O   . HOH C 3 .  ? -0.648  9.974   15.838  1.00 29.63 ? 2133 HOH A O   1 
HETATM 815 O O   . HOH C 3 .  ? 6.641   3.476   8.769   1.00 21.80 ? 2134 HOH A O   1 
HETATM 816 O O   . HOH C 3 .  ? -0.656  11.394  -2.829  1.00 20.94 ? 2135 HOH A O   1 
HETATM 817 O O   . HOH C 3 .  ? 0.793   10.259  -6.560  1.00 23.15 ? 2136 HOH A O   1 
HETATM 818 O O   . HOH C 3 .  ? -5.915  10.553  -8.316  1.00 20.06 ? 2137 HOH A O   1 
HETATM 819 O O   . HOH C 3 .  ? 5.826   6.821   -7.012  1.00 43.18 ? 2138 HOH A O   1 
HETATM 820 O O   . HOH C 3 .  ? 2.563   6.351   -11.901 1.00 37.26 ? 2139 HOH A O   1 
HETATM 821 O O   . HOH C 3 .  ? 1.884   1.197   -14.055 1.00 46.53 ? 2140 HOH A O   1 
HETATM 822 O O   . HOH C 3 .  ? 3.982   -4.846  -12.649 1.00 66.48 ? 2141 HOH A O   1 
HETATM 823 O O   . HOH C 3 .  ? 8.778   -3.057  -15.620 1.00 53.45 ? 2142 HOH A O   1 
HETATM 824 O O   . HOH C 3 .  ? 11.126  -1.557  -6.651  1.00 47.69 ? 2143 HOH A O   1 
HETATM 825 O O   . HOH C 3 .  ? 11.420  0.545   -9.529  1.00 60.11 ? 2144 HOH A O   1 
HETATM 826 O O   . HOH C 3 .  ? 6.700   4.704   -5.677  1.00 39.66 ? 2145 HOH A O   1 
HETATM 827 O O   . HOH C 3 .  ? 6.964   -8.296  -6.992  1.00 48.30 ? 2146 HOH A O   1 
HETATM 828 O O   . HOH C 3 .  ? 9.157   -6.643  -14.228 1.00 46.21 ? 2147 HOH A O   1 
# 
